data_4KPH
#
_entry.id   4KPH
#
_cell.length_a   68.874
_cell.length_b   87.076
_cell.length_c   153.589
_cell.angle_alpha   90.000
_cell.angle_beta   90.000
_cell.angle_gamma   90.000
#
_symmetry.space_group_name_H-M   'P 21 21 21'
#
loop_
_entity.id
_entity.type
_entity.pdbx_description
1 polymer 'N62 light chain'
2 polymer 'N62 heavy chain'
3 non-polymer 'ACETATE ION'
4 water water
#
loop_
_entity_poly.entity_id
_entity_poly.type
_entity_poly.pdbx_seq_one_letter_code
_entity_poly.pdbx_strand_id
1 'polypeptide(L)'
;(PCA)IVLTQSPAIMSASLGEEITLTCSASSSVNYMHWYQQKSGTSPKLLIYTTSNLASGVPSRFSGSGSGTFYSLTISS
VEAEDAADYYCHQWSSYPTFGGGTKLEIKRADAAPTVSIFPPSSEQLTSGGASVVCFLNNFYPKDINVKWKIDGSERQNG
VLNSWTDQDSKDSTYSMSSTLTLTKDEYERHNSYTCEATHKTSTSPIVKSFNRN
;
L,M
2 'polypeptide(L)'
;EVQLQESGPSLVKPSQTLSLTCSVTGDSITSGYWNWIRKFPGNRLEYMGYINYSGNTFYNPSLKSRISITRDTSKNQY
(CSD)LQLNSVTTEDTATYYCATYRFNYWGQGTLVTVSAAKTTPPSVYPLAPGCGDTTGSSVTLGCLVKGYFPEPVTVTW
NSGSLSSGVHTFPALLQSGLYTMSSSVTVPSSTWPSQTVTCSVAHPASSTTVDKKLEP
;
H,I
#
loop_
_chem_comp.id
_chem_comp.type
_chem_comp.name
_chem_comp.formula
ACT non-polymer 'ACETATE ION' 'C2 H3 O2 -1'
#
# COMPACT_ATOMS: atom_id res chain seq x y z
N PCA A 1 27.33 29.73 6.39
CA PCA A 1 26.34 28.68 6.22
CB PCA A 1 26.47 27.63 7.32
CG PCA A 1 27.35 28.24 8.40
CD PCA A 1 27.91 29.46 7.71
OE PCA A 1 28.79 30.14 8.23
C PCA A 1 24.93 29.23 6.22
O PCA A 1 24.51 29.87 7.18
N ILE A 2 24.20 28.99 5.14
CA ILE A 2 22.83 29.49 5.00
C ILE A 2 21.85 28.68 5.85
N VAL A 3 21.20 29.34 6.79
CA VAL A 3 20.24 28.69 7.67
C VAL A 3 18.89 28.52 6.98
N LEU A 4 18.41 27.28 6.92
CA LEU A 4 17.10 27.00 6.38
C LEU A 4 16.12 26.68 7.50
N THR A 5 15.09 27.50 7.65
CA THR A 5 14.09 27.29 8.68
C THR A 5 12.81 26.70 8.09
N GLN A 6 12.33 25.62 8.68
CA GLN A 6 11.11 24.97 8.22
C GLN A 6 9.99 25.15 9.23
N SER A 7 8.87 25.71 8.78
CA SER A 7 7.73 25.93 9.66
C SER A 7 6.48 25.26 9.10
N PRO A 8 5.72 24.57 9.96
CA PRO A 8 6.05 24.40 11.38
C PRO A 8 6.88 23.13 11.60
N ALA A 9 7.38 22.95 12.82
CA ALA A 9 8.14 21.76 13.17
C ALA A 9 7.32 20.49 12.96
N ILE A 10 6.05 20.55 13.34
CA ILE A 10 5.14 19.43 13.14
C ILE A 10 3.86 19.88 12.43
N MET A 11 3.53 19.21 11.34
CA MET A 11 2.34 19.54 10.57
C MET A 11 1.29 18.43 10.67
N SER A 12 0.08 18.80 11.04
CA SER A 12 -1.03 17.85 11.14
C SER A 12 -1.90 17.89 9.89
N ALA A 13 -2.29 16.71 9.41
CA ALA A 13 -3.10 16.62 8.20
C ALA A 13 -4.13 15.50 8.28
N SER A 14 -5.24 15.67 7.57
CA SER A 14 -6.26 14.64 7.44
C SER A 14 -6.21 14.03 6.05
N LEU A 15 -6.74 12.82 5.92
CA LEU A 15 -6.76 12.14 4.63
C LEU A 15 -7.51 12.97 3.59
N GLY A 16 -6.92 13.07 2.40
CA GLY A 16 -7.56 13.80 1.31
C GLY A 16 -7.31 15.30 1.34
N GLU A 17 -6.66 15.79 2.39
CA GLU A 17 -6.34 17.21 2.49
C GLU A 17 -5.18 17.59 1.59
N GLU A 18 -5.07 18.89 1.32
CA GLU A 18 -3.92 19.43 0.61
C GLU A 18 -3.16 20.36 1.54
N ILE A 19 -1.91 20.02 1.83
CA ILE A 19 -1.11 20.78 2.78
C ILE A 19 0.03 21.52 2.11
N THR A 20 0.53 22.54 2.77
CA THR A 20 1.69 23.28 2.29
C THR A 20 2.76 23.35 3.39
N LEU A 21 3.96 22.89 3.08
CA LEU A 21 5.08 23.00 3.99
C LEU A 21 6.02 24.09 3.51
N THR A 22 6.54 24.89 4.43
CA THR A 22 7.35 26.05 4.06
C THR A 22 8.80 25.94 4.50
N CYS A 23 9.68 26.60 3.76
CA CYS A 23 11.10 26.60 4.06
C CYS A 23 11.67 28.01 3.91
N SER A 24 12.01 28.64 5.04
CA SER A 24 12.54 30.00 5.04
C SER A 24 14.07 30.04 5.11
N ALA A 25 14.68 30.84 4.25
CA ALA A 25 16.14 30.94 4.18
C ALA A 25 16.66 32.25 4.75
N SER A 26 17.86 32.20 5.33
CA SER A 26 18.47 33.37 5.94
C SER A 26 18.98 34.35 4.88
N SER A 27 19.14 33.86 3.66
CA SER A 27 19.53 34.70 2.53
C SER A 27 18.99 34.10 1.23
N SER A 28 19.12 34.85 0.14
CA SER A 28 18.58 34.43 -1.14
C SER A 28 19.13 33.09 -1.62
N VAL A 29 18.23 32.24 -2.11
CA VAL A 29 18.60 30.92 -2.61
C VAL A 29 18.03 30.74 -4.02
N ASN A 30 18.87 30.30 -4.95
CA ASN A 30 18.46 30.16 -6.35
C ASN A 30 17.44 29.06 -6.59
N TYR A 31 17.63 27.91 -5.93
CA TYR A 31 16.72 26.79 -6.09
C TYR A 31 16.71 25.90 -4.85
N MET A 32 15.63 25.15 -4.67
CA MET A 32 15.44 24.37 -3.46
C MET A 32 15.11 22.91 -3.77
N HIS A 33 15.80 22.00 -3.10
CA HIS A 33 15.49 20.58 -3.19
C HIS A 33 14.59 20.17 -2.03
N TRP A 34 13.80 19.12 -2.22
CA TRP A 34 12.93 18.62 -1.17
C TRP A 34 13.06 17.11 -1.00
N TYR A 35 13.12 16.65 0.25
CA TYR A 35 13.35 15.24 0.53
C TYR A 35 12.38 14.67 1.56
N GLN A 36 11.94 13.45 1.30
CA GLN A 36 11.03 12.74 2.20
C GLN A 36 11.75 11.56 2.83
N GLN A 37 11.61 11.41 4.14
CA GLN A 37 12.15 10.23 4.81
C GLN A 37 11.11 9.54 5.68
N LYS A 38 10.59 8.42 5.18
CA LYS A 38 9.68 7.59 5.96
C LYS A 38 10.49 6.79 6.98
N SER A 39 9.81 6.14 7.91
CA SER A 39 10.48 5.38 8.97
C SER A 39 11.07 4.07 8.47
N GLY A 40 12.33 3.83 8.84
CA GLY A 40 13.00 2.59 8.49
C GLY A 40 13.68 2.64 7.15
N THR A 41 13.40 3.68 6.37
CA THR A 41 13.98 3.82 5.05
C THR A 41 14.87 5.05 4.96
N SER A 42 15.55 5.20 3.83
CA SER A 42 16.47 6.31 3.61
C SER A 42 15.74 7.47 2.93
N PRO A 43 16.23 8.71 3.12
CA PRO A 43 15.63 9.89 2.48
C PRO A 43 15.50 9.71 0.98
N LYS A 44 14.43 10.27 0.41
CA LYS A 44 14.17 10.15 -1.01
C LYS A 44 13.86 11.52 -1.61
N LEU A 45 14.42 11.78 -2.79
CA LEU A 45 14.21 13.06 -3.46
C LEU A 45 12.78 13.20 -3.98
N LEU A 46 12.11 14.26 -3.55
CA LEU A 46 10.76 14.54 -4.03
C LEU A 46 10.82 15.56 -5.14
N ILE A 47 11.30 16.75 -4.83
CA ILE A 47 11.37 17.84 -5.79
C ILE A 47 12.79 18.38 -5.88
N TYR A 48 13.29 18.53 -7.10
CA TYR A 48 14.60 19.12 -7.33
C TYR A 48 14.48 20.40 -8.13
N THR A 49 15.38 21.34 -7.87
CA THR A 49 15.38 22.64 -8.53
C THR A 49 14.01 23.32 -8.42
N THR A 50 13.56 23.49 -7.18
CA THR A 50 12.35 24.23 -6.84
C THR A 50 11.02 23.55 -7.21
N SER A 51 10.85 23.23 -8.49
CA SER A 51 9.53 22.82 -8.97
C SER A 51 9.50 21.57 -9.86
N ASN A 52 10.63 20.89 -10.00
CA ASN A 52 10.71 19.75 -10.89
C ASN A 52 10.47 18.40 -10.19
N LEU A 53 9.44 17.70 -10.64
CA LEU A 53 9.04 16.42 -10.05
C LEU A 53 10.05 15.32 -10.41
N ALA A 54 10.61 14.67 -9.40
CA ALA A 54 11.57 13.60 -9.62
C ALA A 54 10.89 12.30 -10.02
N SER A 55 11.65 11.39 -10.60
CA SER A 55 11.12 10.09 -11.01
C SER A 55 10.69 9.28 -9.80
N GLY A 56 9.65 8.46 -9.97
CA GLY A 56 9.12 7.65 -8.89
C GLY A 56 8.45 8.49 -7.82
N VAL A 57 7.87 9.62 -8.23
CA VAL A 57 7.15 10.50 -7.30
C VAL A 57 5.84 10.95 -7.94
N PRO A 58 4.72 10.73 -7.24
CA PRO A 58 3.38 11.09 -7.73
C PRO A 58 3.20 12.58 -7.98
N SER A 59 2.29 12.92 -8.88
CA SER A 59 2.10 14.31 -9.30
C SER A 59 1.46 15.18 -8.23
N ARG A 60 1.01 14.56 -7.15
CA ARG A 60 0.36 15.28 -6.06
C ARG A 60 1.36 16.07 -5.21
N PHE A 61 2.64 15.92 -5.53
CA PHE A 61 3.69 16.73 -4.94
C PHE A 61 4.04 17.88 -5.87
N SER A 62 4.18 19.08 -5.32
CA SER A 62 4.54 20.24 -6.11
C SER A 62 5.30 21.26 -5.25
N GLY A 63 6.37 21.81 -5.81
CA GLY A 63 7.19 22.79 -5.10
C GLY A 63 7.13 24.16 -5.73
N SER A 64 7.01 25.19 -4.89
CA SER A 64 7.01 26.57 -5.37
C SER A 64 7.94 27.43 -4.53
N GLY A 65 8.11 28.67 -4.96
CA GLY A 65 8.90 29.63 -4.20
C GLY A 65 10.05 30.23 -4.98
N SER A 66 10.69 31.23 -4.36
CA SER A 66 11.85 31.90 -4.94
C SER A 66 12.49 32.76 -3.86
N GLY A 67 13.70 33.24 -4.13
CA GLY A 67 14.40 34.11 -3.19
C GLY A 67 14.72 33.43 -1.87
N THR A 68 13.98 33.81 -0.83
CA THR A 68 14.23 33.29 0.51
C THR A 68 13.07 32.49 1.08
N PHE A 69 12.07 32.21 0.25
CA PHE A 69 10.89 31.49 0.71
C PHE A 69 10.42 30.45 -0.31
N TYR A 70 10.39 29.19 0.10
CA TYR A 70 9.99 28.10 -0.78
C TYR A 70 8.96 27.18 -0.13
N SER A 71 8.09 26.61 -0.94
CA SER A 71 6.98 25.81 -0.44
C SER A 71 6.91 24.41 -1.04
N LEU A 72 6.53 23.44 -0.23
CA LEU A 72 6.23 22.10 -0.70
C LEU A 72 4.75 21.83 -0.50
N THR A 73 4.07 21.44 -1.58
CA THR A 73 2.64 21.16 -1.51
C THR A 73 2.33 19.70 -1.77
N ILE A 74 1.53 19.12 -0.88
CA ILE A 74 1.09 17.73 -1.02
C ILE A 74 -0.43 17.68 -1.14
N SER A 75 -0.93 17.26 -2.29
CA SER A 75 -2.36 17.15 -2.50
C SER A 75 -2.84 15.73 -2.23
N SER A 76 -4.10 15.61 -1.80
CA SER A 76 -4.71 14.32 -1.51
C SER A 76 -3.88 13.49 -0.56
N VAL A 77 -3.55 14.07 0.60
CA VAL A 77 -2.67 13.43 1.57
C VAL A 77 -3.15 12.03 1.94
N GLU A 78 -2.27 11.06 1.74
CA GLU A 78 -2.55 9.67 2.10
C GLU A 78 -1.79 9.30 3.35
N ALA A 79 -2.09 8.13 3.91
CA ALA A 79 -1.44 7.65 5.12
C ALA A 79 0.05 7.41 4.90
N GLU A 80 0.41 7.08 3.66
CA GLU A 80 1.81 6.82 3.31
C GLU A 80 2.64 8.09 3.27
N ASP A 81 1.99 9.24 3.36
CA ASP A 81 2.69 10.53 3.33
C ASP A 81 3.26 10.88 4.70
N ALA A 82 2.95 10.07 5.70
CA ALA A 82 3.48 10.27 7.04
C ALA A 82 5.00 10.09 7.04
N ALA A 83 5.72 11.19 7.19
CA ALA A 83 7.19 11.17 7.15
C ALA A 83 7.77 12.50 7.61
N ASP A 84 9.10 12.59 7.56
CA ASP A 84 9.79 13.86 7.77
C ASP A 84 10.13 14.45 6.41
N TYR A 85 10.01 15.76 6.29
CA TYR A 85 10.31 16.43 5.03
C TYR A 85 11.39 17.49 5.19
N TYR A 86 12.40 17.42 4.34
CA TYR A 86 13.54 18.34 4.42
C TYR A 86 13.67 19.15 3.14
N CYS A 87 14.00 20.42 3.29
CA CYS A 87 14.36 21.25 2.14
C CYS A 87 15.87 21.35 2.08
N HIS A 88 16.40 21.70 0.91
CA HIS A 88 17.85 21.74 0.72
C HIS A 88 18.27 22.81 -0.28
N GLN A 89 19.36 23.50 0.04
CA GLN A 89 19.91 24.50 -0.86
C GLN A 89 21.35 24.14 -1.23
N TRP A 90 21.72 24.38 -2.48
CA TRP A 90 23.08 24.12 -2.91
C TRP A 90 23.84 25.41 -3.22
N SER A 91 24.93 25.62 -2.49
CA SER A 91 25.83 26.74 -2.74
C SER A 91 27.24 26.32 -2.36
N SER A 92 28.08 27.29 -2.01
CA SER A 92 29.45 26.98 -1.56
C SER A 92 29.40 26.24 -0.23
N TYR A 93 28.29 26.38 0.48
CA TYR A 93 28.07 25.68 1.74
C TYR A 93 26.64 25.14 1.78
N PRO A 94 26.43 23.95 1.20
CA PRO A 94 25.12 23.30 1.16
C PRO A 94 24.59 22.97 2.56
N THR A 95 23.30 23.21 2.80
CA THR A 95 22.69 22.88 4.08
C THR A 95 21.30 22.29 3.91
N PHE A 96 20.78 21.70 4.98
CA PHE A 96 19.42 21.16 5.01
C PHE A 96 18.62 21.92 6.06
N GLY A 97 17.30 21.92 5.91
CA GLY A 97 16.42 22.46 6.91
C GLY A 97 16.31 21.51 8.09
N GLY A 98 15.74 22.00 9.19
CA GLY A 98 15.59 21.19 10.39
C GLY A 98 14.60 20.06 10.21
N GLY A 99 13.69 20.22 9.25
CA GLY A 99 12.73 19.17 8.94
C GLY A 99 11.33 19.44 9.47
N THR A 100 10.33 18.98 8.73
CA THR A 100 8.94 19.07 9.16
C THR A 100 8.31 17.68 9.18
N LYS A 101 7.82 17.27 10.35
CA LYS A 101 7.16 15.98 10.46
C LYS A 101 5.68 16.08 10.12
N LEU A 102 5.24 15.22 9.21
CA LEU A 102 3.83 15.18 8.83
C LEU A 102 3.10 14.07 9.57
N GLU A 103 2.26 14.46 10.52
CA GLU A 103 1.43 13.50 11.24
C GLU A 103 0.07 13.41 10.58
N ILE A 104 -0.44 12.19 10.42
CA ILE A 104 -1.73 11.97 9.79
C ILE A 104 -2.82 11.78 10.83
N LYS A 105 -3.92 12.51 10.69
CA LYS A 105 -5.06 12.35 11.59
C LYS A 105 -5.96 11.21 11.11
N ARG A 106 -6.63 10.55 12.06
CA ARG A 106 -7.51 9.43 11.75
C ARG A 106 -8.48 9.18 12.87
N ALA A 107 -9.40 8.23 12.66
CA ALA A 107 -10.33 7.83 13.69
C ALA A 107 -9.59 7.22 14.88
N ASP A 108 -10.10 7.47 16.09
CA ASP A 108 -9.51 6.90 17.29
C ASP A 108 -9.57 5.38 17.24
N ALA A 109 -8.54 4.74 17.79
CA ALA A 109 -8.46 3.28 17.79
C ALA A 109 -7.90 2.76 19.12
N ALA A 110 -8.49 1.68 19.62
CA ALA A 110 -8.03 1.07 20.86
C ALA A 110 -6.83 0.18 20.60
N PRO A 111 -5.91 0.10 21.57
CA PRO A 111 -4.74 -0.78 21.42
C PRO A 111 -5.07 -2.24 21.72
N THR A 112 -4.60 -3.14 20.86
CA THR A 112 -4.65 -4.57 21.17
C THR A 112 -3.47 -4.88 22.08
N VAL A 113 -3.76 -5.29 23.31
CA VAL A 113 -2.72 -5.45 24.31
C VAL A 113 -2.27 -6.90 24.47
N SER A 114 -0.95 -7.11 24.39
CA SER A 114 -0.37 -8.42 24.62
C SER A 114 0.66 -8.36 25.74
N ILE A 115 0.65 -9.36 26.62
CA ILE A 115 1.61 -9.41 27.71
C ILE A 115 2.45 -10.69 27.61
N PHE A 116 3.71 -10.59 28.05
CA PHE A 116 4.65 -11.70 27.93
C PHE A 116 5.46 -11.88 29.20
N PRO A 117 5.55 -13.12 29.69
CA PRO A 117 6.39 -13.44 30.85
C PRO A 117 7.84 -13.53 30.43
N PRO A 118 8.78 -13.37 31.38
CA PRO A 118 10.21 -13.52 31.08
C PRO A 118 10.52 -14.85 30.41
N SER A 119 11.52 -14.87 29.54
CA SER A 119 11.90 -16.08 28.85
C SER A 119 12.68 -17.01 29.76
N SER A 120 12.70 -18.30 29.43
CA SER A 120 13.47 -19.28 30.18
C SER A 120 14.97 -18.94 30.12
N GLU A 121 15.40 -18.39 28.99
CA GLU A 121 16.79 -18.00 28.81
C GLU A 121 17.22 -16.89 29.75
N GLN A 122 16.43 -15.81 29.80
CA GLN A 122 16.78 -14.65 30.63
C GLN A 122 16.82 -15.00 32.11
N LEU A 123 15.85 -15.79 32.55
CA LEU A 123 15.80 -16.24 33.94
C LEU A 123 17.07 -17.00 34.33
N THR A 124 17.53 -17.85 33.42
CA THR A 124 18.76 -18.60 33.63
C THR A 124 19.95 -17.67 33.83
N SER A 125 19.91 -16.53 33.13
CA SER A 125 20.96 -15.52 33.27
C SER A 125 20.78 -14.70 34.54
N GLY A 126 19.63 -14.86 35.19
CA GLY A 126 19.34 -14.18 36.43
C GLY A 126 18.57 -12.88 36.28
N GLY A 127 18.06 -12.64 35.09
CA GLY A 127 17.28 -11.45 34.82
C GLY A 127 15.82 -11.80 34.58
N ALA A 128 14.96 -10.80 34.65
CA ALA A 128 13.54 -11.01 34.40
C ALA A 128 12.86 -9.76 33.86
N SER A 129 12.49 -9.81 32.58
CA SER A 129 11.78 -8.70 31.96
C SER A 129 10.38 -9.11 31.57
N VAL A 130 9.39 -8.30 31.96
CA VAL A 130 8.01 -8.53 31.57
C VAL A 130 7.64 -7.50 30.51
N VAL A 131 7.26 -7.98 29.33
CA VAL A 131 7.04 -7.10 28.19
C VAL A 131 5.55 -6.97 27.87
N CYS A 132 5.12 -5.76 27.54
CA CYS A 132 3.73 -5.51 27.18
C CYS A 132 3.65 -4.71 25.88
N PHE A 133 2.98 -5.28 24.87
CA PHE A 133 2.80 -4.62 23.59
C PHE A 133 1.43 -3.97 23.47
N LEU A 134 1.42 -2.69 23.10
CA LEU A 134 0.19 -1.95 22.87
C LEU A 134 0.16 -1.49 21.42
N ASN A 135 -0.35 -2.33 20.54
CA ASN A 135 -0.23 -2.11 19.11
C ASN A 135 -1.42 -1.44 18.43
N ASN A 136 -1.11 -0.59 17.45
CA ASN A 136 -2.10 0.00 16.56
C ASN A 136 -3.24 0.76 17.24
N PHE A 137 -2.89 1.82 17.97
CA PHE A 137 -3.89 2.69 18.58
C PHE A 137 -3.73 4.13 18.10
N TYR A 138 -4.72 4.96 18.39
CA TYR A 138 -4.69 6.38 18.02
C TYR A 138 -5.66 7.14 18.91
N PRO A 139 -5.25 8.31 19.43
CA PRO A 139 -3.97 8.99 19.17
C PRO A 139 -2.80 8.46 19.99
N LYS A 140 -1.63 9.08 19.82
CA LYS A 140 -0.39 8.62 20.41
C LYS A 140 -0.40 8.64 21.94
N ASP A 141 -1.15 9.58 22.51
CA ASP A 141 -1.19 9.74 23.97
C ASP A 141 -1.86 8.55 24.64
N ILE A 142 -1.13 7.92 25.56
CA ILE A 142 -1.62 6.76 26.29
C ILE A 142 -0.72 6.46 27.48
N ASN A 143 -1.30 5.96 28.56
CA ASN A 143 -0.53 5.57 29.73
C ASN A 143 -0.63 4.08 30.01
N VAL A 144 0.48 3.48 30.42
CA VAL A 144 0.49 2.08 30.78
C VAL A 144 0.75 1.94 32.27
N LYS A 145 0.05 1.02 32.92
CA LYS A 145 0.18 0.84 34.35
C LYS A 145 0.52 -0.61 34.68
N TRP A 146 1.61 -0.80 35.41
CA TRP A 146 2.04 -2.13 35.80
C TRP A 146 1.61 -2.45 37.23
N LYS A 147 0.92 -3.57 37.39
CA LYS A 147 0.51 -4.03 38.71
C LYS A 147 1.12 -5.38 39.03
N ILE A 148 1.88 -5.43 40.12
CA ILE A 148 2.47 -6.67 40.60
C ILE A 148 1.76 -7.09 41.87
N ASP A 149 1.01 -8.19 41.79
CA ASP A 149 0.22 -8.69 42.90
C ASP A 149 -0.74 -7.64 43.48
N GLY A 150 -1.23 -6.76 42.61
CA GLY A 150 -2.19 -5.75 43.01
C GLY A 150 -1.59 -4.37 43.20
N SER A 151 -0.33 -4.31 43.60
CA SER A 151 0.34 -3.05 43.87
C SER A 151 0.98 -2.45 42.62
N GLU A 152 0.73 -1.16 42.40
CA GLU A 152 1.27 -0.45 41.24
C GLU A 152 2.79 -0.38 41.30
N ARG A 153 3.43 -0.42 40.13
CA ARG A 153 4.89 -0.38 40.05
C ARG A 153 5.36 0.65 39.02
N GLN A 154 6.29 1.50 39.42
CA GLN A 154 6.82 2.54 38.53
C GLN A 154 8.31 2.39 38.28
N ASN A 155 8.99 1.65 39.15
CA ASN A 155 10.44 1.46 39.01
C ASN A 155 10.82 0.25 38.17
N GLY A 156 11.59 0.48 37.12
CA GLY A 156 12.06 -0.59 36.26
C GLY A 156 11.27 -0.73 34.98
N VAL A 157 10.51 0.30 34.64
CA VAL A 157 9.72 0.28 33.41
C VAL A 157 10.34 1.17 32.33
N LEU A 158 10.30 0.70 31.10
CA LEU A 158 10.81 1.46 29.95
C LEU A 158 9.84 1.38 28.78
N ASN A 159 9.48 2.53 28.23
CA ASN A 159 8.49 2.58 27.16
C ASN A 159 9.06 3.13 25.85
N SER A 160 8.68 2.49 24.75
CA SER A 160 9.17 2.87 23.43
C SER A 160 8.03 2.98 22.44
N TRP A 161 7.88 4.16 21.84
CA TRP A 161 6.85 4.39 20.85
C TRP A 161 7.39 4.21 19.44
N THR A 162 6.60 3.60 18.57
CA THR A 162 6.95 3.52 17.17
C THR A 162 6.64 4.85 16.53
N ASP A 163 7.11 5.05 15.30
CA ASP A 163 6.68 6.20 14.52
C ASP A 163 5.31 5.86 13.96
N GLN A 164 4.58 6.88 13.51
CA GLN A 164 3.24 6.65 12.98
C GLN A 164 3.29 5.68 11.80
N ASP A 165 2.46 4.64 11.87
CA ASP A 165 2.41 3.62 10.84
C ASP A 165 1.98 4.23 9.51
N SER A 166 2.65 3.86 8.44
CA SER A 166 2.40 4.44 7.13
C SER A 166 1.18 3.83 6.45
N LYS A 167 0.71 2.69 6.96
CA LYS A 167 -0.46 2.03 6.40
C LYS A 167 -1.77 2.50 7.01
N ASP A 168 -1.87 2.44 8.32
CA ASP A 168 -3.14 2.74 9.01
C ASP A 168 -3.09 3.98 9.91
N SER A 169 -1.98 4.71 9.85
CA SER A 169 -1.80 5.95 10.62
C SER A 169 -1.86 5.74 12.14
N THR A 170 -1.66 4.51 12.59
CA THR A 170 -1.73 4.22 14.02
C THR A 170 -0.36 4.22 14.67
N TYR A 171 -0.34 4.08 16.00
CA TYR A 171 0.89 4.05 16.77
C TYR A 171 0.96 2.78 17.60
N SER A 172 2.16 2.37 17.97
CA SER A 172 2.34 1.23 18.85
C SER A 172 3.38 1.54 19.92
N MET A 173 3.29 0.83 21.03
CA MET A 173 4.19 1.07 22.16
C MET A 173 4.66 -0.25 22.77
N SER A 174 5.87 -0.24 23.30
CA SER A 174 6.44 -1.41 23.95
C SER A 174 6.83 -1.05 25.37
N SER A 175 6.17 -1.67 26.35
CA SER A 175 6.46 -1.40 27.74
C SER A 175 7.18 -2.59 28.36
N THR A 176 8.35 -2.34 28.94
CA THR A 176 9.15 -3.41 29.51
C THR A 176 9.46 -3.16 30.98
N LEU A 177 8.99 -4.08 31.83
CA LEU A 177 9.29 -4.03 33.25
C LEU A 177 10.42 -5.01 33.56
N THR A 178 11.57 -4.49 33.96
CA THR A 178 12.74 -5.31 34.18
C THR A 178 13.05 -5.46 35.66
N LEU A 179 13.20 -6.71 36.10
CA LEU A 179 13.49 -7.01 37.50
C LEU A 179 14.64 -7.99 37.58
N THR A 180 14.98 -8.39 38.81
CA THR A 180 15.93 -9.47 39.02
C THR A 180 15.10 -10.75 39.10
N LYS A 181 15.74 -11.89 38.88
CA LYS A 181 15.04 -13.17 38.92
C LYS A 181 14.43 -13.40 40.31
N ASP A 182 15.15 -12.98 41.34
CA ASP A 182 14.65 -13.07 42.71
C ASP A 182 13.42 -12.20 42.91
N GLU A 183 13.48 -10.97 42.41
CA GLU A 183 12.37 -10.03 42.55
C GLU A 183 11.14 -10.52 41.78
N TYR A 184 11.37 -11.13 40.63
CA TYR A 184 10.29 -11.65 39.81
C TYR A 184 9.61 -12.84 40.47
N GLU A 185 10.42 -13.71 41.08
CA GLU A 185 9.91 -14.91 41.71
C GLU A 185 9.48 -14.64 43.15
N ARG A 186 9.46 -13.37 43.51
CA ARG A 186 9.01 -12.96 44.83
C ARG A 186 7.51 -12.65 44.79
N HIS A 187 6.96 -12.59 43.58
CA HIS A 187 5.55 -12.34 43.38
C HIS A 187 4.94 -13.32 42.38
N ASN A 188 3.62 -13.32 42.27
CA ASN A 188 2.91 -14.28 41.43
C ASN A 188 2.18 -13.66 40.25
N SER A 189 1.32 -12.68 40.53
CA SER A 189 0.49 -12.07 39.51
C SER A 189 1.17 -10.86 38.88
N TYR A 190 1.14 -10.80 37.56
CA TYR A 190 1.73 -9.68 36.83
C TYR A 190 0.75 -9.12 35.82
N THR A 191 0.53 -7.81 35.87
CA THR A 191 -0.51 -7.17 35.09
C THR A 191 -0.05 -5.87 34.46
N CYS A 192 -0.39 -5.67 33.19
CA CYS A 192 -0.21 -4.37 32.55
C CYS A 192 -1.58 -3.82 32.13
N GLU A 193 -1.82 -2.55 32.45
CA GLU A 193 -3.10 -1.92 32.16
C GLU A 193 -2.94 -0.80 31.12
N ALA A 194 -3.81 -0.82 30.13
CA ALA A 194 -3.77 0.20 29.08
C ALA A 194 -4.97 1.12 29.19
N THR A 195 -4.71 2.37 29.55
CA THR A 195 -5.75 3.38 29.63
C THR A 195 -5.64 4.35 28.46
N HIS A 196 -6.59 4.23 27.53
CA HIS A 196 -6.60 5.06 26.32
C HIS A 196 -7.94 5.80 26.28
N LYS A 197 -8.01 6.88 25.52
CA LYS A 197 -9.21 7.70 25.50
C LYS A 197 -10.36 7.07 24.71
N THR A 198 -10.12 5.87 24.17
CA THR A 198 -11.15 5.15 23.43
C THR A 198 -12.13 4.46 24.37
N SER A 199 -11.79 4.41 25.65
CA SER A 199 -12.66 3.81 26.66
C SER A 199 -12.24 4.22 28.07
N THR A 200 -13.23 4.50 28.92
CA THR A 200 -12.97 4.81 30.31
C THR A 200 -12.49 3.56 31.04
N SER A 201 -13.00 2.41 30.60
CA SER A 201 -12.58 1.12 31.13
C SER A 201 -11.27 0.68 30.48
N PRO A 202 -10.20 0.57 31.29
CA PRO A 202 -8.88 0.21 30.79
C PRO A 202 -8.84 -1.20 30.20
N ILE A 203 -7.87 -1.46 29.33
CA ILE A 203 -7.66 -2.79 28.79
C ILE A 203 -6.61 -3.51 29.63
N VAL A 204 -6.96 -4.68 30.13
CA VAL A 204 -6.12 -5.39 31.09
C VAL A 204 -5.61 -6.72 30.57
N LYS A 205 -4.29 -6.91 30.63
CA LYS A 205 -3.68 -8.18 30.31
C LYS A 205 -2.80 -8.63 31.46
N SER A 206 -2.91 -9.90 31.81
CA SER A 206 -2.21 -10.42 32.97
C SER A 206 -1.92 -11.91 32.86
N PHE A 207 -1.08 -12.40 33.76
CA PHE A 207 -0.77 -13.81 33.86
C PHE A 207 -0.27 -14.09 35.27
N ASN A 208 -0.18 -15.37 35.62
CA ASN A 208 0.36 -15.76 36.91
C ASN A 208 1.57 -16.67 36.75
N ARG A 209 2.60 -16.39 37.53
CA ARG A 209 3.87 -17.12 37.45
C ARG A 209 3.70 -18.61 37.71
N ASN A 210 2.58 -18.97 38.33
CA ASN A 210 2.25 -20.37 38.58
C ASN A 210 2.21 -21.20 37.31
N VAL B 2 19.45 2.11 -9.75
CA VAL B 2 20.71 2.41 -9.07
C VAL B 2 20.65 1.99 -7.61
N GLN B 3 21.67 1.27 -7.16
CA GLN B 3 21.76 0.86 -5.76
C GLN B 3 23.08 1.29 -5.13
N LEU B 4 23.00 1.85 -3.93
CA LEU B 4 24.20 2.25 -3.19
C LEU B 4 24.26 1.48 -1.89
N GLN B 5 25.47 1.14 -1.45
CA GLN B 5 25.64 0.32 -0.25
C GLN B 5 26.84 0.77 0.58
N GLU B 6 26.56 1.33 1.76
CA GLU B 6 27.62 1.74 2.66
C GLU B 6 28.16 0.53 3.42
N SER B 7 29.48 0.50 3.60
CA SER B 7 30.12 -0.57 4.35
C SER B 7 31.35 -0.06 5.09
N GLY B 8 31.70 -0.72 6.18
CA GLY B 8 32.83 -0.30 7.00
C GLY B 8 32.52 -0.45 8.47
N PRO B 9 33.54 -0.24 9.32
CA PRO B 9 33.43 -0.37 10.78
C PRO B 9 32.30 0.47 11.37
N SER B 10 31.76 0.02 12.50
CA SER B 10 30.69 0.73 13.18
C SER B 10 31.24 1.48 14.40
N LEU B 11 32.41 1.06 14.85
CA LEU B 11 33.08 1.72 15.97
C LEU B 11 34.41 2.32 15.55
N VAL B 12 34.62 3.57 15.91
CA VAL B 12 35.90 4.23 15.69
C VAL B 12 36.30 4.92 16.98
N LYS B 13 37.46 4.54 17.52
CA LYS B 13 37.97 5.17 18.72
C LYS B 13 38.25 6.64 18.44
N PRO B 14 38.01 7.51 19.44
CA PRO B 14 38.27 8.95 19.30
C PRO B 14 39.69 9.23 18.81
N SER B 15 39.84 10.30 18.03
CA SER B 15 41.11 10.73 17.43
C SER B 15 41.63 9.79 16.33
N GLN B 16 40.95 8.68 16.10
CA GLN B 16 41.30 7.78 15.00
C GLN B 16 40.61 8.20 13.70
N THR B 17 40.83 7.43 12.64
CA THR B 17 40.30 7.78 11.32
C THR B 17 39.08 6.94 10.93
N LEU B 18 38.00 7.64 10.58
CA LEU B 18 36.77 6.98 10.14
C LEU B 18 36.83 6.70 8.64
N SER B 19 36.64 5.44 8.26
CA SER B 19 36.64 5.06 6.86
C SER B 19 35.36 4.31 6.47
N LEU B 20 34.78 4.66 5.33
CA LEU B 20 33.60 3.99 4.82
C LEU B 20 33.64 3.88 3.31
N THR B 21 33.07 2.79 2.78
CA THR B 21 33.02 2.57 1.35
C THR B 21 31.57 2.58 0.86
N CYS B 22 31.35 3.20 -0.30
CA CYS B 22 30.04 3.15 -0.95
C CYS B 22 30.16 2.37 -2.26
N SER B 23 29.52 1.21 -2.31
CA SER B 23 29.50 0.41 -3.52
C SER B 23 28.28 0.76 -4.38
N VAL B 24 28.53 1.15 -5.63
CA VAL B 24 27.47 1.53 -6.54
C VAL B 24 27.26 0.46 -7.61
N THR B 25 26.01 0.04 -7.78
CA THR B 25 25.64 -0.90 -8.83
C THR B 25 24.49 -0.34 -9.65
N GLY B 26 24.51 -0.60 -10.95
CA GLY B 26 23.47 -0.12 -11.84
C GLY B 26 24.02 0.95 -12.79
N ASP B 27 24.66 1.95 -12.22
CA ASP B 27 25.31 2.99 -13.02
C ASP B 27 26.79 3.07 -12.68
N SER B 28 27.56 3.72 -13.55
CA SER B 28 29.00 3.87 -13.33
C SER B 28 29.31 5.23 -12.72
N ILE B 29 30.28 5.27 -11.82
CA ILE B 29 30.66 6.51 -11.15
C ILE B 29 31.50 7.42 -12.05
N THR B 30 31.55 7.10 -13.34
CA THR B 30 32.24 7.94 -14.32
C THR B 30 31.29 9.00 -14.87
N SER B 31 30.10 9.08 -14.29
CA SER B 31 29.13 10.10 -14.66
C SER B 31 28.37 10.58 -13.42
N GLY B 32 27.88 11.81 -13.48
CA GLY B 32 27.10 12.37 -12.38
C GLY B 32 27.95 12.77 -11.20
N TYR B 33 27.31 12.92 -10.04
CA TYR B 33 28.00 13.33 -8.82
C TYR B 33 27.73 12.32 -7.71
N TRP B 34 28.71 12.14 -6.83
CA TRP B 34 28.62 11.08 -5.82
C TRP B 34 28.95 11.60 -4.43
N ASN B 35 27.91 11.80 -3.63
CA ASN B 35 28.01 12.54 -2.38
C ASN B 35 28.05 11.68 -1.12
N TRP B 36 28.56 12.28 -0.05
CA TRP B 36 28.48 11.71 1.29
C TRP B 36 27.69 12.66 2.18
N ILE B 37 26.73 12.11 2.93
CA ILE B 37 25.88 12.90 3.81
C ILE B 37 25.73 12.16 5.14
N ARG B 38 25.75 12.90 6.26
CA ARG B 38 25.54 12.29 7.57
C ARG B 38 24.37 12.91 8.33
N LYS B 39 23.75 12.12 9.20
CA LYS B 39 22.58 12.56 9.95
C LYS B 39 22.74 12.35 11.45
N PHE B 40 22.52 13.41 12.22
CA PHE B 40 22.64 13.36 13.67
C PHE B 40 21.28 13.14 14.30
N PRO B 41 21.25 12.66 15.56
CA PRO B 41 19.99 12.56 16.29
C PRO B 41 19.35 13.94 16.45
N GLY B 42 18.08 14.05 16.04
CA GLY B 42 17.38 15.32 16.12
C GLY B 42 17.04 15.88 14.76
N ASN B 43 16.99 15.00 13.76
CA ASN B 43 16.67 15.40 12.38
C ASN B 43 17.63 16.44 11.82
N ARG B 44 18.91 16.30 12.16
CA ARG B 44 19.92 17.24 11.66
C ARG B 44 20.74 16.60 10.56
N LEU B 45 20.53 17.06 9.33
CA LEU B 45 21.30 16.58 8.20
C LEU B 45 22.48 17.50 7.94
N GLU B 46 23.64 16.91 7.66
CA GLU B 46 24.82 17.69 7.31
C GLU B 46 25.46 17.13 6.05
N TYR B 47 25.57 17.97 5.03
CA TYR B 47 26.25 17.56 3.81
C TYR B 47 27.75 17.48 4.05
N MET B 48 28.38 16.41 3.57
CA MET B 48 29.80 16.21 3.80
C MET B 48 30.64 16.56 2.57
N GLY B 49 30.34 15.93 1.44
CA GLY B 49 31.07 16.24 0.22
C GLY B 49 30.85 15.24 -0.91
N TYR B 50 31.48 15.49 -2.06
CA TYR B 50 31.35 14.58 -3.19
C TYR B 50 32.65 14.37 -3.96
N ILE B 51 32.61 13.38 -4.85
CA ILE B 51 33.58 13.27 -5.94
C ILE B 51 32.79 13.04 -7.23
N ASN B 52 33.17 13.73 -8.30
CA ASN B 52 32.37 13.69 -9.52
C ASN B 52 32.89 12.76 -10.61
N TYR B 53 32.40 12.97 -11.83
CA TYR B 53 32.75 12.14 -12.97
C TYR B 53 34.23 12.19 -13.32
N SER B 54 34.82 13.37 -13.21
CA SER B 54 36.22 13.56 -13.61
C SER B 54 37.18 13.54 -12.42
N GLY B 55 36.70 13.04 -11.30
CA GLY B 55 37.55 12.90 -10.11
C GLY B 55 37.63 14.14 -9.25
N ASN B 56 36.98 15.21 -9.65
CA ASN B 56 36.95 16.43 -8.86
C ASN B 56 36.20 16.22 -7.54
N THR B 57 36.73 16.80 -6.47
CA THR B 57 36.09 16.69 -5.16
C THR B 57 35.60 18.04 -4.67
N PHE B 58 34.60 18.02 -3.79
CA PHE B 58 34.10 19.22 -3.15
C PHE B 58 33.63 18.86 -1.75
N TYR B 59 34.13 19.59 -0.76
CA TYR B 59 33.86 19.26 0.63
C TYR B 59 33.13 20.38 1.36
N ASN B 60 32.39 20.01 2.39
CA ASN B 60 31.84 20.97 3.33
C ASN B 60 32.98 21.76 3.96
N PRO B 61 32.92 23.10 3.85
CA PRO B 61 33.94 24.03 4.36
C PRO B 61 34.36 23.72 5.80
N SER B 62 33.41 23.32 6.63
CA SER B 62 33.68 23.01 8.03
C SER B 62 34.32 21.64 8.22
N LEU B 63 34.42 20.86 7.15
CA LEU B 63 34.98 19.52 7.22
C LEU B 63 36.25 19.38 6.39
N LYS B 64 36.48 20.36 5.52
CA LYS B 64 37.55 20.32 4.52
C LYS B 64 38.94 19.97 5.07
N SER B 65 39.24 20.41 6.28
CA SER B 65 40.57 20.24 6.85
C SER B 65 40.87 18.80 7.30
N ARG B 66 39.83 17.98 7.41
CA ARG B 66 40.02 16.62 7.91
C ARG B 66 39.23 15.56 7.13
N ILE B 67 38.73 15.93 5.95
CA ILE B 67 37.96 15.00 5.15
C ILE B 67 38.61 14.72 3.80
N SER B 68 38.45 13.50 3.32
CA SER B 68 38.95 13.11 2.00
C SER B 68 38.01 12.11 1.35
N ILE B 69 37.69 12.35 0.08
CA ILE B 69 36.85 11.43 -0.68
C ILE B 69 37.58 10.93 -1.92
N THR B 70 37.76 9.62 -1.99
CA THR B 70 38.48 9.00 -3.11
C THR B 70 37.55 8.04 -3.84
N ARG B 71 38.04 7.45 -4.92
CA ARG B 71 37.24 6.53 -5.70
C ARG B 71 38.06 5.40 -6.31
N ASP B 72 37.37 4.29 -6.63
CA ASP B 72 37.98 3.17 -7.32
C ASP B 72 37.07 2.82 -8.50
N THR B 73 37.33 3.42 -9.65
CA THR B 73 36.51 3.22 -10.83
C THR B 73 36.49 1.77 -11.29
N SER B 74 37.59 1.06 -11.03
CA SER B 74 37.71 -0.34 -11.40
C SER B 74 36.82 -1.24 -10.55
N LYS B 75 36.30 -0.69 -9.46
CA LYS B 75 35.37 -1.41 -8.59
C LYS B 75 34.01 -0.73 -8.54
N ASN B 76 33.91 0.43 -9.20
CA ASN B 76 32.72 1.26 -9.16
C ASN B 76 32.33 1.61 -7.74
N GLN B 77 33.31 2.05 -6.95
CA GLN B 77 33.11 2.40 -5.55
C GLN B 77 33.80 3.73 -5.25
N TYR B 78 33.26 4.47 -4.29
CA TYR B 78 33.98 5.64 -3.77
C TYR B 78 34.02 5.63 -2.24
N CSD B 79 35.06 6.22 -1.68
CA CSD B 79 35.36 6.07 -0.29
CB CSD B 79 36.72 5.51 -0.16
SG CSD B 79 36.89 4.07 -1.17
C CSD B 79 35.29 7.36 0.45
O CSD B 79 35.47 8.47 -0.14
OD1 CSD B 79 36.28 2.84 -0.74
OD2 CSD B 79 37.61 4.14 -2.44
N LEU B 80 35.06 7.27 1.76
CA LEU B 80 35.03 8.43 2.64
C LEU B 80 36.07 8.27 3.73
N GLN B 81 36.85 9.32 3.96
CA GLN B 81 37.85 9.31 5.02
C GLN B 81 37.75 10.56 5.88
N LEU B 82 37.53 10.35 7.17
CA LEU B 82 37.42 11.47 8.11
C LEU B 82 38.40 11.26 9.25
N ASN B 83 39.27 12.26 9.46
CA ASN B 83 40.34 12.14 10.45
C ASN B 83 39.99 12.76 11.78
N SER B 84 40.66 12.29 12.83
CA SER B 84 40.55 12.85 14.18
C SER B 84 39.11 13.00 14.65
N VAL B 85 38.35 11.91 14.58
CA VAL B 85 36.94 11.97 14.96
C VAL B 85 36.75 12.11 16.47
N THR B 86 35.66 12.77 16.84
CA THR B 86 35.29 12.92 18.24
C THR B 86 33.85 12.44 18.39
N THR B 87 33.31 12.54 19.59
CA THR B 87 31.93 12.16 19.86
C THR B 87 30.97 12.90 18.92
N GLU B 88 31.33 14.14 18.58
CA GLU B 88 30.51 14.95 17.70
C GLU B 88 30.35 14.34 16.31
N ASP B 89 31.23 13.42 15.96
CA ASP B 89 31.18 12.77 14.65
C ASP B 89 30.29 11.52 14.65
N THR B 90 29.80 11.13 15.82
CA THR B 90 28.88 10.02 15.93
C THR B 90 27.59 10.34 15.19
N ALA B 91 27.31 9.61 14.12
CA ALA B 91 26.14 9.87 13.27
C ALA B 91 25.85 8.72 12.33
N THR B 92 24.78 8.86 11.56
CA THR B 92 24.43 7.88 10.53
C THR B 92 24.90 8.38 9.18
N TYR B 93 25.82 7.65 8.55
CA TYR B 93 26.44 8.09 7.31
C TYR B 93 25.77 7.50 6.06
N TYR B 94 25.46 8.37 5.12
CA TYR B 94 24.80 7.97 3.87
C TYR B 94 25.67 8.32 2.67
N CYS B 95 25.54 7.53 1.60
CA CYS B 95 26.05 7.92 0.30
C CYS B 95 24.89 8.11 -0.65
N ALA B 96 24.95 9.14 -1.48
CA ALA B 96 23.84 9.47 -2.37
C ALA B 96 24.32 9.96 -3.73
N THR B 97 23.46 9.82 -4.73
CA THR B 97 23.81 10.18 -6.10
C THR B 97 23.61 11.67 -6.36
N TYR B 98 23.71 12.05 -7.64
CA TYR B 98 23.54 13.44 -8.06
C TYR B 98 22.18 13.99 -7.62
N ARG B 99 22.20 15.18 -7.01
CA ARG B 99 21.01 15.81 -6.44
C ARG B 99 20.37 14.96 -5.35
N PHE B 100 21.14 14.04 -4.78
CA PHE B 100 20.70 13.14 -3.72
C PHE B 100 19.45 12.35 -4.12
N ASN B 101 19.38 11.98 -5.39
CA ASN B 101 18.22 11.26 -5.91
C ASN B 101 18.01 9.91 -5.23
N TYR B 102 19.05 9.08 -5.24
CA TYR B 102 18.99 7.77 -4.59
C TYR B 102 20.04 7.66 -3.50
N TRP B 103 19.64 7.11 -2.35
CA TRP B 103 20.55 6.98 -1.22
C TRP B 103 20.80 5.51 -0.93
N GLY B 104 21.79 5.23 -0.08
CA GLY B 104 22.03 3.88 0.39
C GLY B 104 21.22 3.66 1.66
N GLN B 105 21.33 2.48 2.25
CA GLN B 105 20.60 2.19 3.48
C GLN B 105 21.16 2.98 4.65
N GLY B 106 22.41 3.40 4.52
CA GLY B 106 23.08 4.16 5.56
C GLY B 106 23.62 3.25 6.65
N THR B 107 24.64 3.73 7.36
CA THR B 107 25.22 2.96 8.44
C THR B 107 25.55 3.85 9.63
N LEU B 108 25.15 3.40 10.82
CA LEU B 108 25.38 4.17 12.04
C LEU B 108 26.78 3.91 12.59
N VAL B 109 27.62 4.95 12.54
CA VAL B 109 28.97 4.86 13.09
C VAL B 109 29.04 5.59 14.42
N THR B 110 29.60 4.93 15.42
CA THR B 110 29.68 5.50 16.76
C THR B 110 31.13 5.72 17.17
N VAL B 111 31.42 6.91 17.68
CA VAL B 111 32.76 7.23 18.15
C VAL B 111 32.89 6.97 19.65
N SER B 112 33.66 5.95 20.00
CA SER B 112 33.80 5.55 21.40
C SER B 112 34.99 4.61 21.55
N ALA B 113 35.52 4.54 22.77
CA ALA B 113 36.64 3.65 23.06
C ALA B 113 36.18 2.38 23.75
N ALA B 114 34.88 2.32 24.05
CA ALA B 114 34.29 1.17 24.72
C ALA B 114 34.25 -0.04 23.79
N LYS B 115 34.22 -1.23 24.37
CA LYS B 115 34.13 -2.46 23.59
C LYS B 115 32.69 -2.68 23.12
N THR B 116 32.53 -3.42 22.04
CA THR B 116 31.22 -3.85 21.58
C THR B 116 30.67 -4.93 22.50
N THR B 117 29.39 -4.82 22.83
CA THR B 117 28.72 -5.85 23.62
C THR B 117 27.56 -6.41 22.80
N PRO B 118 27.62 -7.72 22.51
CA PRO B 118 26.57 -8.38 21.73
C PRO B 118 25.23 -8.38 22.47
N PRO B 119 24.12 -8.39 21.73
CA PRO B 119 22.79 -8.40 22.34
C PRO B 119 22.37 -9.81 22.76
N SER B 120 21.59 -9.88 23.84
CA SER B 120 20.89 -11.11 24.18
C SER B 120 19.52 -11.03 23.52
N VAL B 121 19.09 -12.13 22.90
CA VAL B 121 17.79 -12.15 22.25
C VAL B 121 16.83 -13.07 22.96
N TYR B 122 15.81 -12.49 23.59
CA TYR B 122 14.83 -13.25 24.34
C TYR B 122 13.51 -13.29 23.58
N PRO B 123 12.96 -14.51 23.41
CA PRO B 123 11.70 -14.71 22.70
C PRO B 123 10.51 -14.18 23.49
N LEU B 124 9.46 -13.76 22.79
CA LEU B 124 8.24 -13.32 23.45
C LEU B 124 7.07 -14.14 22.94
N ALA B 125 6.58 -15.05 23.79
CA ALA B 125 5.49 -15.94 23.43
C ALA B 125 4.46 -15.98 24.55
N PRO B 126 3.19 -16.24 24.21
CA PRO B 126 2.13 -16.35 25.22
C PRO B 126 2.38 -17.49 26.18
N THR B 132 -5.83 -19.37 21.98
CA THR B 132 -6.95 -18.48 21.71
C THR B 132 -6.62 -17.49 20.61
N GLY B 133 -7.62 -16.70 20.20
CA GLY B 133 -7.42 -15.64 19.24
C GLY B 133 -7.29 -16.10 17.80
N SER B 134 -7.76 -15.27 16.88
CA SER B 134 -7.63 -15.54 15.44
C SER B 134 -6.25 -15.12 14.95
N SER B 135 -5.64 -14.19 15.69
CA SER B 135 -4.28 -13.75 15.40
C SER B 135 -3.43 -13.85 16.66
N VAL B 136 -2.13 -14.03 16.48
CA VAL B 136 -1.23 -14.14 17.62
C VAL B 136 -0.06 -13.15 17.49
N THR B 137 0.22 -12.45 18.58
CA THR B 137 1.34 -11.51 18.60
C THR B 137 2.58 -12.15 19.20
N LEU B 138 3.63 -12.26 18.40
CA LEU B 138 4.90 -12.78 18.87
C LEU B 138 5.90 -11.64 18.95
N GLY B 139 7.06 -11.90 19.54
CA GLY B 139 8.06 -10.87 19.65
C GLY B 139 9.44 -11.34 20.06
N CYS B 140 10.41 -10.45 19.97
CA CYS B 140 11.75 -10.70 20.47
C CYS B 140 12.26 -9.49 21.27
N LEU B 141 12.89 -9.76 22.40
CA LEU B 141 13.45 -8.71 23.22
C LEU B 141 14.96 -8.69 23.04
N VAL B 142 15.48 -7.58 22.54
CA VAL B 142 16.91 -7.45 22.27
C VAL B 142 17.53 -6.53 23.32
N LYS B 143 18.36 -7.10 24.18
CA LYS B 143 18.76 -6.42 25.42
C LYS B 143 20.26 -6.41 25.67
N GLY B 144 20.75 -5.32 26.24
CA GLY B 144 22.12 -5.25 26.75
C GLY B 144 23.20 -5.23 25.70
N TYR B 145 23.01 -4.43 24.66
CA TYR B 145 24.01 -4.34 23.60
C TYR B 145 24.61 -2.94 23.42
N PHE B 146 25.79 -2.90 22.81
CA PHE B 146 26.46 -1.65 22.49
C PHE B 146 27.46 -1.91 21.37
N PRO B 147 27.53 -0.99 20.40
CA PRO B 147 26.67 0.19 20.33
C PRO B 147 25.45 -0.07 19.46
N GLU B 148 24.74 0.99 19.11
CA GLU B 148 23.66 0.92 18.14
C GLU B 148 24.27 0.67 16.76
N PRO B 149 23.49 0.16 15.81
CA PRO B 149 22.11 -0.32 15.97
C PRO B 149 22.01 -1.83 15.81
N VAL B 150 20.79 -2.33 15.77
CA VAL B 150 20.54 -3.72 15.43
C VAL B 150 19.43 -3.77 14.39
N THR B 151 19.39 -4.86 13.62
CA THR B 151 18.30 -5.06 12.68
C THR B 151 17.60 -6.37 12.99
N VAL B 152 16.31 -6.29 13.27
CA VAL B 152 15.51 -7.48 13.54
C VAL B 152 14.61 -7.78 12.35
N THR B 153 14.79 -8.95 11.76
CA THR B 153 13.96 -9.38 10.65
C THR B 153 13.31 -10.72 10.95
N TRP B 154 12.04 -10.85 10.58
CA TRP B 154 11.30 -12.07 10.84
C TRP B 154 11.18 -12.87 9.55
N ASN B 155 11.59 -14.14 9.61
CA ASN B 155 11.46 -15.06 8.48
C ASN B 155 11.98 -14.50 7.15
N SER B 156 13.16 -13.87 7.20
CA SER B 156 13.82 -13.32 6.02
C SER B 156 13.00 -12.28 5.28
N GLY B 157 12.29 -11.43 6.04
CA GLY B 157 11.53 -10.34 5.45
C GLY B 157 10.15 -10.74 4.96
N SER B 158 9.78 -12.00 5.15
CA SER B 158 8.51 -12.52 4.67
C SER B 158 7.32 -11.97 5.44
N LEU B 159 7.58 -11.35 6.58
CA LEU B 159 6.51 -10.89 7.46
C LEU B 159 6.57 -9.40 7.76
N SER B 160 7.33 -8.66 6.96
CA SER B 160 7.56 -7.23 7.17
C SER B 160 6.28 -6.44 7.45
N SER B 161 5.18 -6.85 6.82
CA SER B 161 3.87 -6.30 7.14
C SER B 161 3.32 -6.99 8.37
N GLY B 162 3.12 -6.23 9.44
CA GLY B 162 2.67 -6.80 10.69
C GLY B 162 3.77 -6.74 11.74
N VAL B 163 4.97 -6.35 11.30
CA VAL B 163 6.11 -6.19 12.18
C VAL B 163 6.16 -4.77 12.76
N HIS B 164 6.38 -4.68 14.06
CA HIS B 164 6.62 -3.39 14.70
C HIS B 164 8.04 -3.34 15.26
N THR B 165 8.79 -2.33 14.83
CA THR B 165 10.16 -2.15 15.30
C THR B 165 10.21 -0.99 16.29
N PHE B 166 10.38 -1.33 17.56
CA PHE B 166 10.42 -0.32 18.61
C PHE B 166 11.84 0.18 18.81
N PRO B 167 12.04 1.50 18.67
CA PRO B 167 13.37 2.13 18.75
C PRO B 167 14.08 1.79 20.05
N ALA B 168 15.41 1.69 19.99
CA ALA B 168 16.20 1.32 21.16
C ALA B 168 16.26 2.45 22.18
N LEU B 169 16.31 2.07 23.45
CA LEU B 169 16.52 3.02 24.54
C LEU B 169 17.75 2.62 25.34
N LEU B 170 18.39 3.62 25.94
CA LEU B 170 19.65 3.40 26.63
C LEU B 170 19.41 3.07 28.10
N GLN B 171 20.14 2.08 28.61
CA GLN B 171 20.03 1.65 30.00
C GLN B 171 21.37 1.17 30.53
N SER B 172 21.87 1.85 31.56
CA SER B 172 23.12 1.49 32.21
C SER B 172 24.29 1.38 31.23
N GLY B 173 24.24 2.18 30.17
CA GLY B 173 25.29 2.19 29.17
C GLY B 173 25.05 1.19 28.06
N LEU B 174 23.99 0.40 28.21
CA LEU B 174 23.63 -0.61 27.21
C LEU B 174 22.28 -0.33 26.56
N TYR B 175 22.14 -0.72 25.31
CA TYR B 175 20.90 -0.48 24.57
C TYR B 175 19.92 -1.65 24.65
N THR B 176 18.63 -1.33 24.53
CA THR B 176 17.58 -2.35 24.56
C THR B 176 16.43 -1.96 23.65
N MET B 177 16.07 -2.87 22.75
CA MET B 177 14.93 -2.65 21.86
C MET B 177 14.07 -3.90 21.81
N SER B 178 12.96 -3.81 21.10
CA SER B 178 12.09 -4.97 20.92
C SER B 178 11.40 -4.92 19.57
N SER B 179 10.96 -6.08 19.11
CA SER B 179 10.24 -6.18 17.84
C SER B 179 9.07 -7.14 18.00
N SER B 180 7.92 -6.77 17.46
CA SER B 180 6.75 -7.63 17.51
C SER B 180 6.30 -8.02 16.11
N VAL B 181 5.64 -9.16 16.01
CA VAL B 181 5.07 -9.60 14.73
C VAL B 181 3.73 -10.26 15.00
N THR B 182 2.76 -10.01 14.12
CA THR B 182 1.43 -10.58 14.26
C THR B 182 1.09 -11.48 13.08
N VAL B 183 0.78 -12.73 13.38
CA VAL B 183 0.44 -13.71 12.34
C VAL B 183 -0.87 -14.41 12.67
N PRO B 184 -1.55 -14.91 11.62
CA PRO B 184 -2.71 -15.78 11.79
C PRO B 184 -2.39 -16.92 12.75
N SER B 185 -3.35 -17.31 13.59
CA SER B 185 -3.16 -18.40 14.54
C SER B 185 -2.82 -19.71 13.83
N SER B 186 -3.19 -19.79 12.56
CA SER B 186 -2.87 -20.95 11.73
C SER B 186 -1.37 -21.03 11.44
N THR B 187 -0.73 -19.88 11.32
CA THR B 187 0.69 -19.81 10.96
C THR B 187 1.60 -20.33 12.07
N TRP B 188 1.34 -19.91 13.31
CA TRP B 188 2.19 -20.27 14.44
C TRP B 188 1.39 -21.04 15.49
N PRO B 189 1.99 -22.10 16.06
CA PRO B 189 3.35 -22.58 15.78
C PRO B 189 3.36 -23.71 14.76
N SER B 190 2.39 -23.72 13.85
CA SER B 190 2.35 -24.73 12.80
C SER B 190 3.58 -24.58 11.92
N GLN B 191 3.87 -23.34 11.55
CA GLN B 191 5.07 -23.03 10.77
C GLN B 191 6.07 -22.36 11.70
N THR B 192 7.36 -22.51 11.42
CA THR B 192 8.38 -21.91 12.25
C THR B 192 8.44 -20.40 12.03
N VAL B 193 8.44 -19.65 13.12
CA VAL B 193 8.59 -18.21 13.06
C VAL B 193 9.84 -17.81 13.84
N THR B 194 10.81 -17.23 13.13
CA THR B 194 12.11 -16.97 13.71
C THR B 194 12.49 -15.50 13.54
N CYS B 195 12.99 -14.89 14.61
CA CYS B 195 13.54 -13.55 14.52
C CYS B 195 15.05 -13.63 14.39
N SER B 196 15.60 -12.88 13.43
CA SER B 196 17.04 -12.83 13.24
C SER B 196 17.54 -11.46 13.63
N VAL B 197 18.42 -11.41 14.62
CA VAL B 197 18.94 -10.14 15.11
C VAL B 197 20.39 -9.96 14.71
N ALA B 198 20.63 -8.94 13.88
CA ALA B 198 21.99 -8.65 13.43
C ALA B 198 22.58 -7.49 14.20
N HIS B 199 23.80 -7.67 14.68
CA HIS B 199 24.52 -6.62 15.37
C HIS B 199 25.91 -6.49 14.74
N PRO B 200 26.00 -5.73 13.64
CA PRO B 200 27.19 -5.61 12.79
C PRO B 200 28.46 -5.20 13.55
N ALA B 201 28.30 -4.33 14.54
CA ALA B 201 29.44 -3.85 15.34
C ALA B 201 30.21 -5.00 15.99
N SER B 202 29.47 -5.96 16.54
CA SER B 202 30.10 -7.13 17.15
C SER B 202 30.15 -8.29 16.17
N SER B 203 29.74 -8.03 14.92
CA SER B 203 29.71 -9.03 13.87
C SER B 203 28.89 -10.25 14.27
N THR B 204 27.81 -10.00 15.01
CA THR B 204 27.01 -11.08 15.58
C THR B 204 25.64 -11.15 14.94
N THR B 205 25.17 -12.37 14.67
CA THR B 205 23.81 -12.59 14.24
C THR B 205 23.18 -13.67 15.10
N VAL B 206 22.04 -13.35 15.71
CA VAL B 206 21.35 -14.30 16.57
C VAL B 206 20.00 -14.68 15.97
N ASP B 207 19.76 -15.99 15.84
CA ASP B 207 18.52 -16.48 15.27
C ASP B 207 17.72 -17.22 16.34
N LYS B 208 16.66 -16.59 16.82
CA LYS B 208 15.82 -17.17 17.86
C LYS B 208 14.50 -17.67 17.30
N LYS B 209 14.24 -18.97 17.48
CA LYS B 209 12.98 -19.55 17.06
C LYS B 209 11.92 -19.42 18.17
N LEU B 210 10.70 -19.06 17.77
CA LEU B 210 9.62 -18.87 18.72
C LEU B 210 8.93 -20.20 19.03
N GLU B 211 8.96 -20.59 20.30
CA GLU B 211 8.36 -21.83 20.75
C GLU B 211 7.05 -21.55 21.50
N PRO B 212 6.08 -22.47 21.40
CA PRO B 212 4.81 -22.29 22.10
C PRO B 212 4.87 -22.74 23.55
N PCA C 1 -3.48 19.74 -19.23
CA PCA C 1 -4.57 18.79 -19.05
CB PCA C 1 -4.41 18.04 -17.74
CG PCA C 1 -3.35 18.77 -16.94
CD PCA C 1 -2.76 19.71 -17.96
OE PCA C 1 -1.76 20.38 -17.71
C PCA C 1 -5.92 19.47 -19.05
O PCA C 1 -6.32 20.09 -18.05
N ILE C 2 -6.64 19.38 -20.16
CA ILE C 2 -7.99 19.90 -20.26
C ILE C 2 -8.93 19.10 -19.36
N VAL C 3 -9.55 19.77 -18.40
CA VAL C 3 -10.46 19.11 -17.47
C VAL C 3 -11.83 18.89 -18.09
N LEU C 4 -12.27 17.64 -18.10
CA LEU C 4 -13.61 17.30 -18.58
C LEU C 4 -14.54 16.97 -17.42
N THR C 5 -15.58 17.78 -17.26
CA THR C 5 -16.56 17.53 -16.20
C THR C 5 -17.82 16.94 -16.81
N GLN C 6 -18.30 15.84 -16.22
CA GLN C 6 -19.49 15.17 -16.72
C GLN C 6 -20.67 15.33 -15.76
N SER C 7 -21.78 15.82 -16.30
CA SER C 7 -22.99 16.00 -15.49
C SER C 7 -24.15 15.20 -16.08
N PRO C 8 -24.90 14.51 -15.20
CA PRO C 8 -24.63 14.45 -13.77
C PRO C 8 -23.72 13.27 -13.43
N ALA C 9 -23.26 13.21 -12.18
CA ALA C 9 -22.45 12.08 -11.73
C ALA C 9 -23.23 10.78 -11.88
N ILE C 10 -24.50 10.83 -11.51
CA ILE C 10 -25.40 9.68 -11.67
C ILE C 10 -26.68 10.09 -12.39
N MET C 11 -27.02 9.38 -13.45
CA MET C 11 -28.23 9.66 -14.22
C MET C 11 -29.23 8.53 -14.05
N SER C 12 -30.46 8.89 -13.67
CA SER C 12 -31.52 7.91 -13.51
C SER C 12 -32.43 7.90 -14.74
N ALA C 13 -32.78 6.71 -15.20
CA ALA C 13 -33.62 6.57 -16.38
C ALA C 13 -34.61 5.43 -16.29
N SER C 14 -35.75 5.57 -16.96
CA SER C 14 -36.73 4.51 -17.08
C SER C 14 -36.66 3.92 -18.48
N LEU C 15 -37.14 2.69 -18.64
CA LEU C 15 -37.16 2.04 -19.94
C LEU C 15 -37.91 2.85 -21.00
N GLY C 16 -37.33 2.96 -22.19
CA GLY C 16 -37.96 3.65 -23.29
C GLY C 16 -37.73 5.16 -23.30
N GLU C 17 -37.08 5.67 -22.28
CA GLU C 17 -36.78 7.10 -22.21
C GLU C 17 -35.64 7.51 -23.13
N GLU C 18 -35.55 8.80 -23.42
CA GLU C 18 -34.40 9.35 -24.13
C GLU C 18 -33.66 10.30 -23.20
N ILE C 19 -32.41 9.97 -22.90
CA ILE C 19 -31.63 10.75 -21.95
C ILE C 19 -30.49 11.51 -22.63
N THR C 20 -30.01 12.56 -21.98
CA THR C 20 -28.87 13.31 -22.46
C THR C 20 -27.80 13.44 -21.38
N LEU C 21 -26.59 13.00 -21.69
CA LEU C 21 -25.45 13.15 -20.78
C LEU C 21 -24.55 14.27 -21.29
N THR C 22 -24.03 15.07 -20.37
CA THR C 22 -23.25 16.24 -20.75
C THR C 22 -21.78 16.15 -20.33
N CYS C 23 -20.92 16.81 -21.09
CA CYS C 23 -19.49 16.84 -20.81
C CYS C 23 -18.95 18.26 -21.00
N SER C 24 -18.60 18.90 -19.90
CA SER C 24 -18.11 20.28 -19.94
C SER C 24 -16.58 20.34 -19.91
N ALA C 25 -16.01 21.13 -20.81
CA ALA C 25 -14.55 21.24 -20.93
C ALA C 25 -14.02 22.57 -20.39
N SER C 26 -12.83 22.54 -19.83
CA SER C 26 -12.19 23.73 -19.25
C SER C 26 -11.72 24.70 -20.33
N SER C 27 -11.55 24.19 -21.55
CA SER C 27 -11.19 25.02 -22.69
C SER C 27 -11.75 24.40 -23.97
N SER C 28 -11.65 25.12 -25.07
CA SER C 28 -12.22 24.67 -26.33
C SER C 28 -11.70 23.31 -26.78
N VAL C 29 -12.61 22.47 -27.26
CA VAL C 29 -12.26 21.13 -27.71
C VAL C 29 -12.81 20.93 -29.12
N ASN C 30 -11.95 20.44 -30.01
CA ASN C 30 -12.32 20.30 -31.42
C ASN C 30 -13.37 19.20 -31.66
N TYR C 31 -13.19 18.07 -31.00
CA TYR C 31 -14.12 16.94 -31.14
C TYR C 31 -14.10 16.07 -29.89
N MET C 32 -15.18 15.32 -29.68
CA MET C 32 -15.32 14.54 -28.45
C MET C 32 -15.66 13.08 -28.76
N HIS C 33 -14.95 12.16 -28.11
CA HIS C 33 -15.26 10.74 -28.20
C HIS C 33 -16.13 10.32 -27.01
N TRP C 34 -16.92 9.26 -27.19
CA TRP C 34 -17.76 8.75 -26.12
C TRP C 34 -17.63 7.24 -25.97
N TYR C 35 -17.51 6.79 -24.73
CA TYR C 35 -17.28 5.38 -24.45
C TYR C 35 -18.20 4.82 -23.38
N GLN C 36 -18.64 3.59 -23.59
CA GLN C 36 -19.50 2.90 -22.64
C GLN C 36 -18.73 1.75 -22.01
N GLN C 37 -18.79 1.63 -20.69
CA GLN C 37 -18.21 0.49 -20.02
C GLN C 37 -19.20 -0.16 -19.06
N LYS C 38 -19.73 -1.31 -19.48
CA LYS C 38 -20.63 -2.07 -18.63
C LYS C 38 -19.82 -2.80 -17.57
N SER C 39 -20.51 -3.42 -16.61
CA SER C 39 -19.83 -4.06 -15.49
C SER C 39 -19.13 -5.35 -15.94
N GLY C 40 -17.85 -5.48 -15.58
CA GLY C 40 -17.11 -6.68 -15.87
C GLY C 40 -16.45 -6.70 -17.25
N THR C 41 -16.78 -5.70 -18.07
CA THR C 41 -16.26 -5.65 -19.43
C THR C 41 -15.38 -4.43 -19.70
N SER C 42 -14.80 -4.39 -20.89
CA SER C 42 -13.91 -3.31 -21.29
C SER C 42 -14.71 -2.20 -21.98
N PRO C 43 -14.21 -0.96 -21.92
CA PRO C 43 -14.86 0.18 -22.57
C PRO C 43 -15.11 -0.06 -24.06
N LYS C 44 -16.21 0.47 -24.57
CA LYS C 44 -16.56 0.30 -25.97
C LYS C 44 -16.89 1.65 -26.60
N LEU C 45 -16.39 1.87 -27.81
CA LEU C 45 -16.61 3.13 -28.52
C LEU C 45 -18.07 3.28 -28.96
N LEU C 46 -18.70 4.35 -28.51
CA LEU C 46 -20.07 4.64 -28.91
C LEU C 46 -20.07 5.65 -30.05
N ILE C 47 -19.57 6.85 -29.75
CA ILE C 47 -19.52 7.94 -30.72
C ILE C 47 -18.10 8.47 -30.83
N TYR C 48 -17.62 8.64 -32.06
CA TYR C 48 -16.30 9.21 -32.28
C TYR C 48 -16.39 10.50 -33.08
N THR C 49 -15.49 11.44 -32.78
CA THR C 49 -15.46 12.75 -33.43
C THR C 49 -16.82 13.43 -33.33
N THR C 50 -17.28 13.61 -32.10
CA THR C 50 -18.50 14.36 -31.78
C THR C 50 -19.82 13.67 -32.15
N SER C 51 -19.99 13.35 -33.43
CA SER C 51 -21.30 12.93 -33.92
C SER C 51 -21.34 11.68 -34.80
N ASN C 52 -20.20 10.99 -34.93
CA ASN C 52 -20.13 9.83 -35.81
C ASN C 52 -20.39 8.50 -35.10
N LEU C 53 -21.42 7.80 -35.54
CA LEU C 53 -21.81 6.51 -34.95
C LEU C 53 -20.82 5.41 -35.33
N ALA C 54 -20.27 4.74 -34.32
CA ALA C 54 -19.29 3.69 -34.56
C ALA C 54 -19.94 2.39 -35.04
N SER C 55 -19.14 1.51 -35.63
CA SER C 55 -19.63 0.23 -36.11
C SER C 55 -20.08 -0.66 -34.96
N GLY C 56 -21.11 -1.47 -35.21
CA GLY C 56 -21.67 -2.34 -34.19
C GLY C 56 -22.33 -1.58 -33.08
N VAL C 57 -22.91 -0.42 -33.42
CA VAL C 57 -23.61 0.42 -32.45
C VAL C 57 -24.93 0.90 -33.02
N PRO C 58 -26.03 0.65 -32.29
CA PRO C 58 -27.38 1.04 -32.72
C PRO C 58 -27.53 2.55 -32.91
N SER C 59 -28.46 2.94 -33.77
CA SER C 59 -28.65 4.34 -34.12
C SER C 59 -29.25 5.18 -32.99
N ARG C 60 -29.67 4.52 -31.91
CA ARG C 60 -30.29 5.22 -30.80
C ARG C 60 -29.28 6.02 -29.98
N PHE C 61 -28.00 5.86 -30.30
CA PHE C 61 -26.94 6.68 -29.70
C PHE C 61 -26.61 7.82 -30.65
N SER C 62 -26.48 9.02 -30.10
CA SER C 62 -26.15 10.18 -30.91
C SER C 62 -25.40 11.24 -30.10
N GLY C 63 -24.35 11.81 -30.69
CA GLY C 63 -23.55 12.81 -30.02
C GLY C 63 -23.65 14.19 -30.65
N SER C 64 -23.75 15.21 -29.81
CA SER C 64 -23.80 16.59 -30.28
C SER C 64 -22.84 17.47 -29.49
N GLY C 65 -22.70 18.72 -29.91
CA GLY C 65 -21.89 19.68 -29.17
C GLY C 65 -20.77 20.32 -29.97
N SER C 66 -20.15 21.32 -29.35
CA SER C 66 -19.03 22.05 -29.94
C SER C 66 -18.37 22.91 -28.87
N GLY C 67 -17.19 23.43 -29.17
CA GLY C 67 -16.48 24.31 -28.25
C GLY C 67 -16.12 23.64 -26.94
N THR C 68 -16.83 24.00 -25.88
CA THR C 68 -16.54 23.50 -24.54
C THR C 68 -17.68 22.66 -23.97
N PHE C 69 -18.68 22.36 -24.81
CA PHE C 69 -19.85 21.62 -24.35
C PHE C 69 -20.29 20.57 -25.37
N TYR C 70 -20.31 19.31 -24.94
CA TYR C 70 -20.69 18.20 -25.81
C TYR C 70 -21.69 17.29 -25.13
N SER C 71 -22.59 16.70 -25.92
CA SER C 71 -23.66 15.88 -25.36
C SER C 71 -23.74 14.49 -25.96
N LEU C 72 -24.08 13.52 -25.12
CA LEU C 72 -24.38 12.16 -25.57
C LEU C 72 -25.85 11.87 -25.30
N THR C 73 -26.57 11.46 -26.34
CA THR C 73 -27.99 11.15 -26.20
C THR C 73 -28.27 9.68 -26.45
N ILE C 74 -29.02 9.07 -25.55
CA ILE C 74 -29.42 7.67 -25.69
C ILE C 74 -30.93 7.55 -25.76
N SER C 75 -31.45 7.12 -26.90
CA SER C 75 -32.88 6.95 -27.09
C SER C 75 -33.30 5.51 -26.80
N SER C 76 -34.55 5.35 -26.36
CA SER C 76 -35.13 4.04 -26.06
C SER C 76 -34.26 3.25 -25.09
N VAL C 77 -33.96 3.87 -23.95
CA VAL C 77 -33.07 3.29 -22.95
C VAL C 77 -33.52 1.89 -22.51
N GLU C 78 -32.62 0.92 -22.63
CA GLU C 78 -32.90 -0.44 -22.22
C GLU C 78 -32.16 -0.73 -20.91
N ALA C 79 -32.47 -1.87 -20.30
CA ALA C 79 -31.82 -2.26 -19.06
C ALA C 79 -30.33 -2.54 -19.29
N GLU C 80 -30.00 -2.94 -20.52
CA GLU C 80 -28.62 -3.23 -20.89
C GLU C 80 -27.77 -1.97 -21.02
N ASP C 81 -28.41 -0.81 -20.98
CA ASP C 81 -27.69 0.46 -21.08
C ASP C 81 -27.07 0.84 -19.74
N ALA C 82 -27.36 0.05 -18.71
CA ALA C 82 -26.78 0.28 -17.40
C ALA C 82 -25.26 0.14 -17.45
N ALA C 83 -24.56 1.26 -17.36
CA ALA C 83 -23.11 1.28 -17.45
C ALA C 83 -22.56 2.64 -17.06
N ASP C 84 -21.24 2.79 -17.15
CA ASP C 84 -20.59 4.08 -16.98
C ASP C 84 -20.30 4.66 -18.37
N TYR C 85 -20.47 5.97 -18.50
CA TYR C 85 -20.21 6.63 -19.77
C TYR C 85 -19.15 7.72 -19.63
N TYR C 86 -18.13 7.66 -20.50
CA TYR C 86 -17.02 8.58 -20.44
C TYR C 86 -16.91 9.37 -21.74
N CYS C 87 -16.61 10.65 -21.62
CA CYS C 87 -16.28 11.47 -22.79
C CYS C 87 -14.77 11.59 -22.89
N HIS C 88 -14.28 11.92 -24.07
CA HIS C 88 -12.84 11.96 -24.31
C HIS C 88 -12.45 13.03 -25.33
N GLN C 89 -11.37 13.75 -25.04
CA GLN C 89 -10.83 14.75 -25.94
C GLN C 89 -9.38 14.43 -26.30
N TRP C 90 -9.00 14.71 -27.54
CA TRP C 90 -7.62 14.51 -27.97
C TRP C 90 -6.90 15.83 -28.23
N SER C 91 -5.83 16.06 -27.49
CA SER C 91 -4.99 17.22 -27.69
C SER C 91 -3.55 16.87 -27.32
N SER C 92 -2.75 17.87 -26.95
CA SER C 92 -1.39 17.64 -26.52
C SER C 92 -1.39 16.84 -25.22
N TYR C 93 -2.50 16.90 -24.50
CA TYR C 93 -2.69 16.15 -23.27
C TYR C 93 -4.10 15.57 -23.25
N PRO C 94 -4.29 14.42 -23.89
CA PRO C 94 -5.60 13.75 -23.93
C PRO C 94 -6.07 13.34 -22.54
N THR C 95 -7.35 13.56 -22.25
CA THR C 95 -7.92 13.16 -20.97
C THR C 95 -9.32 12.58 -21.11
N PHE C 96 -9.82 11.96 -20.05
CA PHE C 96 -11.17 11.43 -20.01
C PHE C 96 -11.98 12.17 -18.96
N GLY C 97 -13.29 12.17 -19.11
CA GLY C 97 -14.17 12.73 -18.09
C GLY C 97 -14.28 11.80 -16.90
N GLY C 98 -14.81 12.31 -15.81
CA GLY C 98 -14.95 11.53 -14.59
C GLY C 98 -15.94 10.39 -14.73
N GLY C 99 -16.86 10.53 -15.68
CA GLY C 99 -17.82 9.48 -15.95
C GLY C 99 -19.21 9.75 -15.41
N THR C 100 -20.21 9.24 -16.12
CA THR C 100 -21.59 9.32 -15.67
C THR C 100 -22.17 7.92 -15.56
N LYS C 101 -22.63 7.56 -14.37
CA LYS C 101 -23.25 6.25 -14.19
C LYS C 101 -24.72 6.31 -14.54
N LEU C 102 -25.16 5.40 -15.41
CA LEU C 102 -26.56 5.33 -15.79
C LEU C 102 -27.27 4.23 -15.01
N GLU C 103 -28.10 4.64 -14.06
CA GLU C 103 -28.91 3.70 -13.29
C GLU C 103 -30.29 3.56 -13.90
N ILE C 104 -30.76 2.32 -14.00
CA ILE C 104 -32.08 2.05 -14.57
C ILE C 104 -33.12 1.86 -13.48
N LYS C 105 -34.25 2.54 -13.60
CA LYS C 105 -35.35 2.38 -12.65
C LYS C 105 -36.22 1.19 -13.02
N ARG C 106 -36.83 0.58 -12.01
CA ARG C 106 -37.68 -0.58 -12.21
C ARG C 106 -38.61 -0.78 -11.01
N ALA C 107 -39.51 -1.75 -11.13
CA ALA C 107 -40.41 -2.09 -10.03
C ALA C 107 -39.64 -2.61 -8.83
N ASP C 108 -40.11 -2.28 -7.63
CA ASP C 108 -39.50 -2.76 -6.41
C ASP C 108 -39.53 -4.29 -6.36
N ALA C 109 -38.48 -4.89 -5.81
CA ALA C 109 -38.40 -6.33 -5.69
C ALA C 109 -37.76 -6.73 -4.36
N ALA C 110 -38.31 -7.76 -3.74
CA ALA C 110 -37.78 -8.25 -2.48
C ALA C 110 -36.58 -9.14 -2.74
N PRO C 111 -35.61 -9.13 -1.82
CA PRO C 111 -34.45 -10.01 -2.00
C PRO C 111 -34.77 -11.45 -1.62
N THR C 112 -34.36 -12.39 -2.46
CA THR C 112 -34.42 -13.80 -2.11
C THR C 112 -33.22 -14.12 -1.23
N VAL C 113 -33.49 -14.48 0.03
CA VAL C 113 -32.43 -14.64 1.00
C VAL C 113 -32.03 -16.10 1.19
N SER C 114 -30.73 -16.36 1.06
CA SER C 114 -30.17 -17.68 1.29
C SER C 114 -29.10 -17.61 2.38
N ILE C 115 -29.11 -18.59 3.27
CA ILE C 115 -28.12 -18.63 4.34
C ILE C 115 -27.28 -19.91 4.21
N PHE C 116 -26.01 -19.81 4.60
CA PHE C 116 -25.10 -20.93 4.44
C PHE C 116 -24.22 -21.12 5.68
N PRO C 117 -24.14 -22.35 6.17
CA PRO C 117 -23.24 -22.69 7.28
C PRO C 117 -21.82 -22.85 6.77
N PRO C 118 -20.82 -22.71 7.66
CA PRO C 118 -19.42 -22.90 7.28
C PRO C 118 -19.22 -24.28 6.65
N SER C 119 -18.30 -24.38 5.70
CA SER C 119 -18.04 -25.65 5.05
C SER C 119 -17.21 -26.55 5.95
N SER C 120 -17.28 -27.85 5.72
CA SER C 120 -16.47 -28.80 6.47
C SER C 120 -14.99 -28.53 6.20
N GLU C 121 -14.69 -28.10 4.98
CA GLU C 121 -13.33 -27.78 4.58
C GLU C 121 -12.79 -26.62 5.40
N GLN C 122 -13.55 -25.53 5.47
CA GLN C 122 -13.12 -24.34 6.20
C GLN C 122 -12.94 -24.63 7.69
N LEU C 123 -13.87 -25.40 8.26
CA LEU C 123 -13.80 -25.79 9.66
C LEU C 123 -12.50 -26.53 9.96
N THR C 124 -12.10 -27.42 9.05
CA THR C 124 -10.86 -28.17 9.20
C THR C 124 -9.66 -27.24 9.29
N SER C 125 -9.73 -26.11 8.60
CA SER C 125 -8.67 -25.11 8.63
C SER C 125 -8.71 -24.30 9.92
N GLY C 126 -9.80 -24.46 10.68
CA GLY C 126 -9.94 -23.78 11.96
C GLY C 126 -10.71 -22.49 11.84
N GLY C 127 -11.30 -22.25 10.67
CA GLY C 127 -12.08 -21.05 10.45
C GLY C 127 -13.55 -21.37 10.28
N ALA C 128 -14.39 -20.34 10.40
CA ALA C 128 -15.82 -20.51 10.24
C ALA C 128 -16.48 -19.22 9.74
N SER C 129 -16.93 -19.24 8.49
CA SER C 129 -17.62 -18.10 7.91
C SER C 129 -19.07 -18.45 7.61
N VAL C 130 -19.99 -17.59 8.04
CA VAL C 130 -21.40 -17.77 7.75
C VAL C 130 -21.83 -16.78 6.67
N VAL C 131 -22.31 -17.31 5.55
CA VAL C 131 -22.59 -16.48 4.39
C VAL C 131 -24.10 -16.31 4.19
N CYS C 132 -24.50 -15.09 3.83
CA CYS C 132 -25.89 -14.80 3.55
C CYS C 132 -26.01 -14.06 2.22
N PHE C 133 -26.73 -14.64 1.27
CA PHE C 133 -26.95 -14.02 -0.03
C PHE C 133 -28.30 -13.33 -0.09
N LEU C 134 -28.30 -12.06 -0.48
CA LEU C 134 -29.53 -11.30 -0.65
C LEU C 134 -29.63 -10.86 -2.11
N ASN C 135 -30.22 -11.73 -2.94
CA ASN C 135 -30.19 -11.54 -4.39
C ASN C 135 -31.41 -10.89 -5.01
N ASN C 136 -31.17 -10.11 -6.06
CA ASN C 136 -32.21 -9.55 -6.92
C ASN C 136 -33.28 -8.74 -6.22
N PHE C 137 -32.86 -7.65 -5.57
CA PHE C 137 -33.80 -6.73 -4.94
C PHE C 137 -33.68 -5.33 -5.53
N TYR C 138 -34.64 -4.48 -5.21
CA TYR C 138 -34.64 -3.09 -5.66
C TYR C 138 -35.54 -2.26 -4.75
N PRO C 139 -35.07 -1.07 -4.35
CA PRO C 139 -33.81 -0.42 -4.74
C PRO C 139 -32.60 -0.93 -3.95
N LYS C 140 -31.44 -0.34 -4.21
CA LYS C 140 -30.18 -0.81 -3.66
C LYS C 140 -30.12 -0.75 -2.14
N ASP C 141 -30.81 0.21 -1.54
CA ASP C 141 -30.77 0.40 -0.09
C ASP C 141 -31.43 -0.77 0.65
N ILE C 142 -30.68 -1.36 1.58
CA ILE C 142 -31.16 -2.51 2.34
C ILE C 142 -30.27 -2.74 3.56
N ASN C 143 -30.85 -3.24 4.64
CA ASN C 143 -30.08 -3.52 5.85
C ASN C 143 -30.02 -5.01 6.19
N VAL C 144 -28.85 -5.45 6.63
CA VAL C 144 -28.67 -6.84 7.07
C VAL C 144 -28.28 -6.89 8.55
N LYS C 145 -28.91 -7.79 9.30
CA LYS C 145 -28.63 -7.93 10.71
C LYS C 145 -28.34 -9.38 11.08
N TRP C 146 -27.22 -9.61 11.77
CA TRP C 146 -26.86 -10.95 12.20
C TRP C 146 -27.25 -11.19 13.66
N VAL C 157 -18.46 -8.79 10.54
CA VAL C 157 -19.30 -8.90 9.36
C VAL C 157 -18.80 -8.03 8.22
N LEU C 158 -18.91 -8.53 6.99
CA LEU C 158 -18.49 -7.80 5.81
C LEU C 158 -19.52 -7.92 4.69
N ASN C 159 -19.89 -6.78 4.12
CA ASN C 159 -20.93 -6.72 3.10
C ASN C 159 -20.43 -6.24 1.74
N SER C 160 -20.88 -6.91 0.68
CA SER C 160 -20.45 -6.57 -0.67
C SER C 160 -21.62 -6.49 -1.64
N TRP C 161 -21.80 -5.34 -2.27
CA TRP C 161 -22.87 -5.13 -3.24
C TRP C 161 -22.40 -5.32 -4.68
N THR C 162 -23.24 -5.93 -5.50
CA THR C 162 -22.96 -6.04 -6.93
C THR C 162 -23.27 -4.73 -7.63
N ASP C 163 -22.84 -4.61 -8.88
CA ASP C 163 -23.29 -3.50 -9.73
C ASP C 163 -24.68 -3.84 -10.22
N GLN C 164 -25.42 -2.85 -10.69
CA GLN C 164 -26.77 -3.09 -11.18
C GLN C 164 -26.77 -4.09 -12.32
N ASP C 165 -27.60 -5.12 -12.20
CA ASP C 165 -27.69 -6.16 -13.21
C ASP C 165 -28.20 -5.57 -14.52
N SER C 166 -27.55 -5.92 -15.61
CA SER C 166 -27.89 -5.35 -16.92
C SER C 166 -29.10 -6.04 -17.53
N LYS C 167 -29.49 -7.18 -16.96
CA LYS C 167 -30.64 -7.93 -17.46
C LYS C 167 -31.95 -7.49 -16.81
N ASP C 168 -32.01 -7.49 -15.48
CA ASP C 168 -33.26 -7.22 -14.77
C ASP C 168 -33.25 -5.95 -13.91
N SER C 169 -32.17 -5.17 -14.02
CA SER C 169 -32.02 -3.91 -13.31
C SER C 169 -32.03 -4.04 -11.78
N THR C 170 -31.79 -5.23 -11.26
CA THR C 170 -31.82 -5.45 -9.81
C THR C 170 -30.42 -5.41 -9.18
N TYR C 171 -30.39 -5.50 -7.85
CA TYR C 171 -29.13 -5.49 -7.11
C TYR C 171 -29.03 -6.72 -6.22
N SER C 172 -27.81 -7.10 -5.86
CA SER C 172 -27.57 -8.21 -4.94
C SER C 172 -26.51 -7.86 -3.90
N MET C 173 -26.56 -8.54 -2.76
CA MET C 173 -25.61 -8.27 -1.67
C MET C 173 -25.13 -9.56 -1.00
N SER C 174 -23.88 -9.55 -0.53
CA SER C 174 -23.31 -10.70 0.16
C SER C 174 -22.78 -10.32 1.55
N SER C 175 -23.37 -10.90 2.58
CA SER C 175 -22.95 -10.63 3.96
C SER C 175 -22.22 -11.83 4.55
N THR C 176 -21.01 -11.60 5.06
CA THR C 176 -20.19 -12.68 5.59
C THR C 176 -19.80 -12.46 7.06
N LEU C 177 -20.24 -13.36 7.93
CA LEU C 177 -19.85 -13.33 9.34
C LEU C 177 -18.79 -14.38 9.62
N THR C 178 -17.59 -13.93 9.96
CA THR C 178 -16.46 -14.85 10.15
C THR C 178 -16.07 -14.98 11.63
N LEU C 179 -15.98 -16.23 12.09
CA LEU C 179 -15.60 -16.50 13.47
C LEU C 179 -14.51 -17.57 13.52
N THR C 180 -14.09 -17.94 14.73
CA THR C 180 -13.16 -19.04 14.92
C THR C 180 -13.92 -20.35 15.14
N LYS C 181 -13.25 -21.47 14.91
CA LYS C 181 -13.85 -22.78 15.10
C LYS C 181 -14.28 -23.01 16.54
N TYR C 184 -17.31 -20.30 17.02
CA TYR C 184 -18.48 -20.68 16.21
C TYR C 184 -19.28 -21.81 16.83
N GLU C 185 -18.58 -22.80 17.39
CA GLU C 185 -19.25 -23.97 17.95
C GLU C 185 -19.62 -23.82 19.43
N ARG C 186 -19.54 -22.60 19.95
CA ARG C 186 -19.98 -22.34 21.31
C ARG C 186 -21.46 -21.99 21.31
N HIS C 187 -22.01 -21.81 20.11
CA HIS C 187 -23.42 -21.50 19.95
C HIS C 187 -24.06 -22.45 18.94
N ASN C 188 -25.39 -22.40 18.84
CA ASN C 188 -26.13 -23.33 18.00
C ASN C 188 -26.87 -22.64 16.86
N SER C 189 -27.67 -21.64 17.20
CA SER C 189 -28.50 -20.95 16.22
C SER C 189 -27.80 -19.75 15.59
N TYR C 190 -27.90 -19.66 14.26
CA TYR C 190 -27.31 -18.55 13.51
C TYR C 190 -28.34 -17.95 12.56
N THR C 191 -28.49 -16.62 12.62
CA THR C 191 -29.55 -15.95 11.89
C THR C 191 -29.06 -14.68 11.18
N CYS C 192 -29.47 -14.50 9.93
CA CYS C 192 -29.27 -13.24 9.23
C CYS C 192 -30.63 -12.65 8.85
N GLU C 193 -30.80 -11.36 9.13
CA GLU C 193 -32.08 -10.69 8.88
C GLU C 193 -31.99 -9.64 7.80
N ALA C 194 -32.93 -9.68 6.85
CA ALA C 194 -32.98 -8.72 5.76
C ALA C 194 -34.19 -7.79 5.90
N THR C 195 -33.93 -6.52 6.18
CA THR C 195 -34.99 -5.53 6.23
C THR C 195 -34.93 -4.61 5.01
N HIS C 196 -35.90 -4.77 4.12
CA HIS C 196 -35.96 -4.00 2.88
C HIS C 196 -37.28 -3.25 2.82
N LYS C 197 -37.36 -2.21 2.01
CA LYS C 197 -38.56 -1.38 1.95
C LYS C 197 -39.71 -2.05 1.20
N THR C 198 -39.49 -3.26 0.71
CA THR C 198 -40.53 -4.00 -0.01
C THR C 198 -41.53 -4.63 0.96
N SER C 199 -41.21 -4.62 2.24
CA SER C 199 -42.09 -5.13 3.27
C SER C 199 -41.64 -4.64 4.64
N THR C 200 -42.60 -4.26 5.49
CA THR C 200 -42.28 -3.83 6.84
C THR C 200 -41.80 -5.04 7.63
N SER C 201 -42.33 -6.21 7.28
CA SER C 201 -41.92 -7.46 7.90
C SER C 201 -40.62 -7.94 7.27
N PRO C 202 -39.54 -7.98 8.06
CA PRO C 202 -38.20 -8.36 7.59
C PRO C 202 -38.16 -9.80 7.10
N ILE C 203 -37.18 -10.11 6.26
CA ILE C 203 -36.97 -11.49 5.80
C ILE C 203 -35.91 -12.17 6.67
N VAL C 204 -36.26 -13.31 7.24
CA VAL C 204 -35.39 -13.98 8.19
C VAL C 204 -34.98 -15.37 7.72
N LYS C 205 -33.67 -15.62 7.69
CA LYS C 205 -33.15 -16.94 7.36
C LYS C 205 -32.15 -17.40 8.42
N SER C 206 -32.25 -18.67 8.81
CA SER C 206 -31.44 -19.18 9.91
C SER C 206 -31.17 -20.68 9.79
N PHE C 207 -30.25 -21.18 10.62
CA PHE C 207 -29.95 -22.60 10.70
C PHE C 207 -29.35 -22.94 12.05
N ASN C 208 -29.23 -24.23 12.35
CA ASN C 208 -28.60 -24.67 13.58
C ASN C 208 -27.43 -25.63 13.32
N GLU D 1 -12.54 -9.17 -36.28
CA GLU D 1 -12.02 -7.97 -36.91
C GLU D 1 -10.67 -7.62 -36.31
N VAL D 2 -10.68 -7.10 -35.08
CA VAL D 2 -9.45 -6.90 -34.31
C VAL D 2 -9.65 -7.36 -32.87
N GLN D 3 -8.72 -8.16 -32.38
CA GLN D 3 -8.72 -8.59 -30.98
C GLN D 3 -7.40 -8.24 -30.33
N LEU D 4 -7.46 -7.68 -29.13
CA LEU D 4 -6.27 -7.32 -28.39
C LEU D 4 -6.16 -8.13 -27.10
N GLN D 5 -4.94 -8.45 -26.70
CA GLN D 5 -4.72 -9.29 -25.54
C GLN D 5 -3.52 -8.81 -24.73
N GLU D 6 -3.81 -8.28 -23.54
CA GLU D 6 -2.76 -7.85 -22.63
C GLU D 6 -2.16 -9.05 -21.90
N SER D 7 -0.85 -9.03 -21.71
CA SER D 7 -0.18 -10.10 -20.99
C SER D 7 1.02 -9.57 -20.21
N GLY D 8 1.38 -10.26 -19.13
CA GLY D 8 2.47 -9.84 -18.29
C GLY D 8 2.17 -10.03 -16.81
N PRO D 9 3.17 -9.81 -15.95
CA PRO D 9 3.06 -9.96 -14.50
C PRO D 9 1.91 -9.17 -13.89
N SER D 10 1.40 -9.65 -12.77
CA SER D 10 0.31 -8.97 -12.06
C SER D 10 0.86 -8.23 -10.84
N LEU D 11 2.06 -8.62 -10.43
CA LEU D 11 2.73 -7.97 -9.30
C LEU D 11 4.02 -7.32 -9.74
N VAL D 12 4.19 -6.06 -9.36
CA VAL D 12 5.44 -5.35 -9.59
C VAL D 12 5.87 -4.65 -8.32
N LYS D 13 7.06 -5.00 -7.81
CA LYS D 13 7.59 -4.37 -6.62
C LYS D 13 7.83 -2.88 -6.88
N PRO D 14 7.63 -2.04 -5.85
CA PRO D 14 7.85 -0.60 -5.95
C PRO D 14 9.25 -0.28 -6.50
N SER D 15 9.34 0.81 -7.25
CA SER D 15 10.60 1.26 -7.87
C SER D 15 11.11 0.35 -9.00
N GLN D 16 10.44 -0.78 -9.23
CA GLN D 16 10.81 -1.65 -10.34
C GLN D 16 10.11 -1.23 -11.63
N THR D 17 10.36 -1.99 -12.70
CA THR D 17 9.84 -1.64 -14.02
C THR D 17 8.65 -2.52 -14.42
N LEU D 18 7.55 -1.87 -14.76
CA LEU D 18 6.35 -2.56 -15.21
C LEU D 18 6.43 -2.83 -16.71
N SER D 19 6.25 -4.08 -17.10
CA SER D 19 6.25 -4.45 -18.51
C SER D 19 4.99 -5.23 -18.87
N LEU D 20 4.38 -4.86 -20.00
CA LEU D 20 3.19 -5.55 -20.48
C LEU D 20 3.20 -5.63 -22.00
N THR D 21 2.66 -6.72 -22.53
CA THR D 21 2.62 -6.94 -23.97
C THR D 21 1.17 -6.94 -24.46
N CYS D 22 0.94 -6.34 -25.62
CA CYS D 22 -0.38 -6.39 -26.25
C CYS D 22 -0.28 -7.18 -27.56
N SER D 23 -0.93 -8.34 -27.59
CA SER D 23 -0.95 -9.16 -28.80
C SER D 23 -2.17 -8.81 -29.65
N VAL D 24 -1.92 -8.42 -30.89
CA VAL D 24 -2.98 -8.02 -31.81
C VAL D 24 -3.19 -9.06 -32.91
N THR D 25 -4.46 -9.45 -33.11
CA THR D 25 -4.81 -10.36 -34.19
C THR D 25 -5.95 -9.80 -35.02
N GLY D 26 -5.91 -10.04 -36.32
CA GLY D 26 -6.93 -9.54 -37.23
C GLY D 26 -6.43 -8.47 -38.17
N ASP D 27 -5.81 -7.44 -37.61
CA ASP D 27 -5.21 -6.38 -38.41
C ASP D 27 -3.73 -6.24 -38.07
N SER D 28 -2.99 -5.55 -38.93
CA SER D 28 -1.57 -5.36 -38.72
C SER D 28 -1.31 -4.00 -38.09
N ILE D 29 -0.32 -3.97 -37.19
CA ILE D 29 0.05 -2.72 -36.52
C ILE D 29 0.86 -1.79 -37.41
N THR D 30 0.92 -2.12 -38.70
CA THR D 30 1.58 -1.29 -39.69
C THR D 30 0.60 -0.25 -40.23
N SER D 31 -0.59 -0.21 -39.62
CA SER D 31 -1.60 0.79 -39.95
C SER D 31 -2.35 1.20 -38.69
N GLY D 32 -2.87 2.43 -38.70
CA GLY D 32 -3.63 2.93 -37.57
C GLY D 32 -2.78 3.32 -36.38
N TYR D 33 -3.41 3.44 -35.22
CA TYR D 33 -2.72 3.83 -33.99
C TYR D 33 -2.96 2.81 -32.89
N TRP D 34 -1.97 2.64 -32.03
CA TRP D 34 -2.02 1.57 -31.03
C TRP D 34 -1.69 2.08 -29.63
N ASN D 35 -2.73 2.23 -28.82
CA ASN D 35 -2.62 2.96 -27.57
C ASN D 35 -2.54 2.09 -26.32
N TRP D 36 -2.04 2.68 -25.24
CA TRP D 36 -2.09 2.09 -23.92
C TRP D 36 -2.88 3.03 -23.02
N ILE D 37 -3.83 2.48 -22.26
CA ILE D 37 -4.68 3.27 -21.38
C ILE D 37 -4.82 2.54 -20.05
N ARG D 38 -4.79 3.28 -18.95
CA ARG D 38 -4.98 2.66 -17.64
C ARG D 38 -6.16 3.26 -16.87
N LYS D 39 -6.75 2.44 -16.00
CA LYS D 39 -7.92 2.86 -15.23
C LYS D 39 -7.68 2.61 -13.74
N PHE D 40 -7.89 3.64 -12.93
CA PHE D 40 -7.67 3.56 -11.50
C PHE D 40 -8.98 3.25 -10.79
N PRO D 41 -8.89 2.74 -9.55
CA PRO D 41 -10.10 2.59 -8.74
C PRO D 41 -10.78 3.94 -8.53
N GLY D 42 -12.06 4.03 -8.88
CA GLY D 42 -12.78 5.28 -8.74
C GLY D 42 -13.20 5.85 -10.09
N ASN D 43 -13.27 4.97 -11.09
CA ASN D 43 -13.67 5.35 -12.44
C ASN D 43 -12.79 6.44 -13.06
N ARG D 44 -11.49 6.37 -12.80
CA ARG D 44 -10.56 7.35 -13.33
C ARG D 44 -9.74 6.76 -14.48
N LEU D 45 -10.01 7.22 -15.70
CA LEU D 45 -9.25 6.79 -16.87
C LEU D 45 -8.10 7.75 -17.15
N GLU D 46 -6.94 7.20 -17.47
CA GLU D 46 -5.79 8.02 -17.83
C GLU D 46 -5.14 7.50 -19.11
N TYR D 47 -5.06 8.36 -20.12
CA TYR D 47 -4.38 7.98 -21.35
C TYR D 47 -2.87 7.93 -21.13
N MET D 48 -2.24 6.88 -21.63
CA MET D 48 -0.82 6.68 -21.42
C MET D 48 0.00 7.05 -22.65
N GLY D 49 -0.30 6.45 -23.80
CA GLY D 49 0.41 6.76 -25.02
C GLY D 49 0.18 5.79 -26.15
N TYR D 50 0.80 6.05 -27.30
CA TYR D 50 0.68 5.15 -28.44
C TYR D 50 1.98 4.95 -29.21
N ILE D 51 1.97 3.98 -30.11
CA ILE D 51 2.94 3.88 -31.19
C ILE D 51 2.14 3.63 -32.47
N ASN D 52 2.47 4.33 -33.55
CA ASN D 52 1.64 4.28 -34.75
C ASN D 52 2.13 3.37 -35.86
N TYR D 53 1.60 3.59 -37.06
CA TYR D 53 1.90 2.76 -38.22
C TYR D 53 3.38 2.83 -38.62
N SER D 54 3.97 4.00 -38.52
CA SER D 54 5.36 4.20 -38.93
C SER D 54 6.32 4.18 -37.74
N GLY D 55 5.85 3.68 -36.60
CA GLY D 55 6.69 3.55 -35.42
C GLY D 55 6.79 4.79 -34.56
N ASN D 56 6.13 5.87 -34.98
CA ASN D 56 6.12 7.10 -34.19
C ASN D 56 5.41 6.90 -32.87
N THR D 57 5.95 7.47 -31.80
CA THR D 57 5.35 7.35 -30.48
C THR D 57 4.87 8.69 -29.96
N PHE D 58 3.90 8.65 -29.05
CA PHE D 58 3.40 9.84 -28.37
C PHE D 58 2.97 9.45 -26.97
N TYR D 59 3.46 10.17 -25.97
CA TYR D 59 3.22 9.80 -24.59
C TYR D 59 2.47 10.89 -23.82
N ASN D 60 1.76 10.47 -22.78
CA ASN D 60 1.18 11.39 -21.81
C ASN D 60 2.31 12.21 -21.20
N PRO D 61 2.20 13.55 -21.30
CA PRO D 61 3.20 14.51 -20.81
C PRO D 61 3.68 14.23 -19.38
N SER D 62 2.77 13.80 -18.51
CA SER D 62 3.13 13.51 -17.12
C SER D 62 3.82 12.16 -16.95
N LEU D 63 3.89 11.40 -18.04
CA LEU D 63 4.48 10.06 -18.00
C LEU D 63 5.72 9.96 -18.89
N LYS D 64 5.91 10.94 -19.74
CA LYS D 64 6.95 10.92 -20.77
C LYS D 64 8.35 10.56 -20.26
N SER D 65 8.67 11.00 -19.05
CA SER D 65 10.00 10.79 -18.49
C SER D 65 10.23 9.36 -17.99
N ARG D 66 9.18 8.56 -17.88
CA ARG D 66 9.28 7.23 -17.31
C ARG D 66 8.55 6.14 -18.10
N ILE D 67 8.12 6.46 -19.31
CA ILE D 67 7.38 5.51 -20.13
C ILE D 67 8.06 5.23 -21.47
N SER D 68 7.91 4.01 -21.95
CA SER D 68 8.43 3.62 -23.26
C SER D 68 7.47 2.64 -23.93
N ILE D 69 7.15 2.91 -25.19
CA ILE D 69 6.29 2.02 -25.96
C ILE D 69 7.01 1.53 -27.21
N THR D 70 7.19 0.22 -27.32
CA THR D 70 7.89 -0.37 -28.46
C THR D 70 6.99 -1.34 -29.20
N ARG D 71 7.48 -1.89 -30.30
CA ARG D 71 6.69 -2.83 -31.09
C ARG D 71 7.54 -3.94 -31.72
N ASP D 72 6.88 -5.05 -32.04
CA ASP D 72 7.49 -6.15 -32.76
C ASP D 72 6.58 -6.52 -33.92
N THR D 73 6.81 -5.91 -35.07
CA THR D 73 5.97 -6.12 -36.25
C THR D 73 5.94 -7.58 -36.70
N SER D 74 7.05 -8.28 -36.46
CA SER D 74 7.16 -9.68 -36.84
C SER D 74 6.29 -10.58 -35.96
N LYS D 75 5.79 -10.02 -34.86
CA LYS D 75 4.90 -10.74 -33.97
C LYS D 75 3.54 -10.06 -33.90
N ASN D 76 3.42 -8.93 -34.58
CA ASN D 76 2.23 -8.09 -34.55
C ASN D 76 1.84 -7.72 -33.12
N GLN D 77 2.82 -7.30 -32.35
CA GLN D 77 2.61 -6.94 -30.95
C GLN D 77 3.29 -5.63 -30.62
N TYR D 78 2.75 -4.89 -29.66
CA TYR D 78 3.44 -3.73 -29.11
C TYR D 78 3.48 -3.79 -27.59
N CSD D 79 4.52 -3.19 -27.01
CA CSD D 79 4.82 -3.38 -25.62
CB CSD D 79 6.21 -3.91 -25.51
SG CSD D 79 6.37 -5.34 -26.53
C CSD D 79 4.72 -2.10 -24.85
O CSD D 79 4.79 -0.98 -25.44
OD1 CSD D 79 5.97 -6.63 -26.00
OD2 CSD D 79 6.99 -5.26 -27.85
N LEU D 80 4.56 -2.22 -23.54
CA LEU D 80 4.50 -1.07 -22.65
C LEU D 80 5.55 -1.22 -21.56
N GLN D 81 6.29 -0.14 -21.32
CA GLN D 81 7.31 -0.15 -20.27
C GLN D 81 7.16 1.09 -19.38
N LEU D 82 6.94 0.87 -18.09
CA LEU D 82 6.81 1.97 -17.15
C LEU D 82 7.79 1.79 -16.00
N ASN D 83 8.65 2.78 -15.80
CA ASN D 83 9.72 2.68 -14.82
C ASN D 83 9.40 3.32 -13.48
N SER D 84 10.10 2.87 -12.44
CA SER D 84 10.00 3.44 -11.10
C SER D 84 8.56 3.53 -10.61
N VAL D 85 7.85 2.41 -10.65
CA VAL D 85 6.44 2.38 -10.27
C VAL D 85 6.25 2.56 -8.77
N THR D 86 5.12 3.17 -8.40
CA THR D 86 4.74 3.32 -7.00
C THR D 86 3.33 2.77 -6.81
N THR D 87 2.83 2.86 -5.59
CA THR D 87 1.47 2.43 -5.28
C THR D 87 0.47 3.13 -6.19
N GLU D 88 0.77 4.38 -6.54
CA GLU D 88 -0.09 5.19 -7.40
C GLU D 88 -0.23 4.60 -8.80
N ASP D 89 0.70 3.71 -9.17
CA ASP D 89 0.67 3.10 -10.50
C ASP D 89 -0.19 1.83 -10.55
N THR D 90 -0.68 1.39 -9.40
CA THR D 90 -1.59 0.26 -9.35
C THR D 90 -2.89 0.59 -10.08
N ALA D 91 -3.16 -0.14 -11.16
CA ALA D 91 -4.33 0.15 -12.00
C ALA D 91 -4.62 -1.00 -12.95
N THR D 92 -5.70 -0.86 -13.72
CA THR D 92 -6.05 -1.83 -14.75
C THR D 92 -5.59 -1.31 -16.10
N TYR D 93 -4.65 -2.03 -16.73
CA TYR D 93 -4.04 -1.56 -17.96
C TYR D 93 -4.69 -2.14 -19.20
N TYR D 94 -5.03 -1.26 -20.14
CA TYR D 94 -5.68 -1.67 -21.39
C TYR D 94 -4.82 -1.31 -22.59
N CYS D 95 -4.94 -2.09 -23.66
CA CYS D 95 -4.43 -1.66 -24.96
C CYS D 95 -5.62 -1.50 -25.90
N ALA D 96 -5.58 -0.45 -26.72
CA ALA D 96 -6.71 -0.13 -27.58
C ALA D 96 -6.27 0.39 -28.94
N THR D 97 -7.14 0.24 -29.94
CA THR D 97 -6.83 0.63 -31.31
C THR D 97 -7.05 2.10 -31.55
N TYR D 98 -6.95 2.50 -32.82
CA TYR D 98 -7.16 3.89 -33.23
C TYR D 98 -8.53 4.40 -32.80
N ARG D 99 -8.55 5.58 -32.19
CA ARG D 99 -9.76 6.18 -31.63
C ARG D 99 -10.37 5.31 -30.52
N PHE D 100 -9.55 4.42 -29.96
CA PHE D 100 -9.97 3.50 -28.90
C PHE D 100 -11.20 2.70 -29.31
N ASN D 101 -11.28 2.35 -30.60
CA ASN D 101 -12.43 1.64 -31.13
C ASN D 101 -12.60 0.27 -30.47
N TYR D 102 -11.54 -0.52 -30.48
CA TYR D 102 -11.56 -1.83 -29.83
C TYR D 102 -10.49 -1.93 -28.75
N TRP D 103 -10.87 -2.50 -27.61
CA TRP D 103 -9.96 -2.63 -26.48
C TRP D 103 -9.65 -4.10 -26.21
N GLY D 104 -8.68 -4.34 -25.36
CA GLY D 104 -8.41 -5.69 -24.88
C GLY D 104 -9.20 -5.93 -23.61
N GLN D 105 -9.06 -7.10 -23.02
CA GLN D 105 -9.78 -7.43 -21.80
C GLN D 105 -9.22 -6.65 -20.61
N GLY D 106 -7.96 -6.20 -20.75
CA GLY D 106 -7.31 -5.46 -19.71
C GLY D 106 -6.76 -6.37 -18.64
N THR D 107 -5.73 -5.90 -17.92
CA THR D 107 -5.13 -6.69 -16.85
C THR D 107 -4.80 -5.83 -15.64
N LEU D 108 -5.19 -6.30 -14.46
CA LEU D 108 -4.95 -5.56 -13.24
C LEU D 108 -3.54 -5.79 -12.72
N VAL D 109 -2.73 -4.74 -12.75
CA VAL D 109 -1.38 -4.81 -12.22
C VAL D 109 -1.32 -4.11 -10.87
N THR D 110 -0.75 -4.77 -9.88
CA THR D 110 -0.68 -4.22 -8.54
C THR D 110 0.78 -3.99 -8.13
N VAL D 111 1.06 -2.81 -7.59
CA VAL D 111 2.40 -2.48 -7.14
C VAL D 111 2.56 -2.79 -5.65
N SER D 112 3.35 -3.81 -5.36
CA SER D 112 3.53 -4.28 -3.99
C SER D 112 4.74 -5.21 -3.87
N ALA D 113 5.26 -5.34 -2.66
CA ALA D 113 6.38 -6.24 -2.39
C ALA D 113 5.89 -7.53 -1.74
N ALA D 114 4.58 -7.60 -1.49
CA ALA D 114 3.98 -8.76 -0.84
C ALA D 114 4.02 -9.99 -1.75
N LYS D 115 3.99 -11.16 -1.14
CA LYS D 115 4.00 -12.41 -1.89
C LYS D 115 2.62 -12.69 -2.47
N THR D 116 2.59 -13.46 -3.54
CA THR D 116 1.32 -13.92 -4.09
C THR D 116 0.76 -15.02 -3.21
N THR D 117 -0.52 -14.93 -2.88
CA THR D 117 -1.19 -15.95 -2.08
C THR D 117 -2.41 -16.52 -2.79
N PRO D 118 -2.39 -17.84 -3.06
CA PRO D 118 -3.54 -18.48 -3.71
C PRO D 118 -4.76 -18.45 -2.80
N PRO D 119 -5.96 -18.42 -3.38
CA PRO D 119 -7.22 -18.39 -2.62
C PRO D 119 -7.66 -19.75 -2.13
N SER D 120 -8.32 -19.77 -0.98
CA SER D 120 -9.04 -20.97 -0.53
C SER D 120 -10.46 -20.86 -1.06
N VAL D 121 -10.99 -21.96 -1.59
CA VAL D 121 -12.34 -21.96 -2.15
C VAL D 121 -13.26 -22.85 -1.32
N TYR D 122 -14.22 -22.21 -0.64
CA TYR D 122 -15.15 -22.93 0.22
C TYR D 122 -16.54 -22.97 -0.40
N PRO D 123 -17.12 -24.18 -0.49
CA PRO D 123 -18.44 -24.35 -1.10
C PRO D 123 -19.55 -23.79 -0.22
N LEU D 124 -20.63 -23.34 -0.84
CA LEU D 124 -21.79 -22.86 -0.10
C LEU D 124 -23.02 -23.64 -0.53
N ALA D 125 -23.50 -24.49 0.37
CA ALA D 125 -24.64 -25.36 0.08
C ALA D 125 -25.65 -25.26 1.22
N PRO D 126 -26.94 -25.51 0.93
CA PRO D 126 -27.98 -25.47 1.95
C PRO D 126 -27.73 -26.47 3.07
N SER D 134 -38.30 -24.89 -5.65
CA SER D 134 -38.19 -25.33 -7.03
C SER D 134 -36.82 -24.98 -7.61
N SER D 135 -36.20 -23.96 -7.05
CA SER D 135 -34.84 -23.59 -7.43
C SER D 135 -33.98 -23.47 -6.19
N VAL D 136 -32.67 -23.69 -6.34
CA VAL D 136 -31.75 -23.63 -5.21
C VAL D 136 -30.58 -22.69 -5.49
N THR D 137 -30.25 -21.86 -4.52
CA THR D 137 -29.11 -20.95 -4.65
C THR D 137 -27.86 -21.56 -4.02
N LEU D 138 -26.85 -21.78 -4.84
CA LEU D 138 -25.57 -22.30 -4.37
C LEU D 138 -24.51 -21.21 -4.46
N GLY D 139 -23.33 -21.47 -3.92
CA GLY D 139 -22.27 -20.48 -3.95
C GLY D 139 -20.89 -20.99 -3.61
N CYS D 140 -19.90 -20.13 -3.83
CA CYS D 140 -18.53 -20.43 -3.42
C CYS D 140 -17.90 -19.21 -2.74
N LEU D 141 -17.19 -19.46 -1.65
CA LEU D 141 -16.52 -18.41 -0.92
C LEU D 141 -15.03 -18.44 -1.23
N VAL D 142 -14.52 -17.36 -1.80
CA VAL D 142 -13.12 -17.27 -2.19
C VAL D 142 -12.37 -16.36 -1.23
N LYS D 143 -11.47 -16.94 -0.43
CA LYS D 143 -10.93 -16.25 0.72
C LYS D 143 -9.40 -16.29 0.80
N GLY D 144 -8.82 -15.19 1.27
CA GLY D 144 -7.42 -15.14 1.61
C GLY D 144 -6.45 -15.14 0.44
N TYR D 145 -6.74 -14.37 -0.59
CA TYR D 145 -5.86 -14.31 -1.75
C TYR D 145 -5.28 -12.92 -1.99
N PHE D 146 -4.17 -12.87 -2.69
CA PHE D 146 -3.53 -11.62 -3.06
C PHE D 146 -2.59 -11.84 -4.24
N PRO D 147 -2.62 -10.93 -5.22
CA PRO D 147 -3.52 -9.78 -5.25
C PRO D 147 -4.79 -10.08 -6.04
N GLU D 148 -5.54 -9.04 -6.37
CA GLU D 148 -6.69 -9.16 -7.25
C GLU D 148 -6.20 -9.43 -8.68
N PRO D 149 -7.07 -9.97 -9.54
CA PRO D 149 -8.43 -10.45 -9.25
C PRO D 149 -8.52 -11.96 -9.36
N VAL D 150 -9.74 -12.48 -9.26
CA VAL D 150 -10.00 -13.89 -9.53
C VAL D 150 -11.19 -14.00 -10.47
N THR D 151 -11.30 -15.12 -11.16
CA THR D 151 -12.43 -15.37 -12.04
C THR D 151 -13.14 -16.65 -11.62
N VAL D 152 -14.44 -16.53 -11.35
CA VAL D 152 -15.25 -17.68 -11.00
C VAL D 152 -16.14 -18.07 -12.16
N THR D 153 -16.00 -19.31 -12.62
CA THR D 153 -16.84 -19.85 -13.68
C THR D 153 -17.55 -21.07 -13.13
N TRP D 154 -18.83 -21.20 -13.44
CA TRP D 154 -19.63 -22.30 -12.92
C TRP D 154 -19.87 -23.40 -13.94
N ASN D 155 -19.64 -24.64 -13.49
CA ASN D 155 -19.91 -25.84 -14.27
C ASN D 155 -19.34 -25.83 -15.68
N VAL D 163 -26.22 -16.00 -12.01
CA VAL D 163 -24.92 -15.89 -11.38
C VAL D 163 -24.66 -14.47 -10.87
N HIS D 164 -24.22 -14.36 -9.62
CA HIS D 164 -23.83 -13.07 -9.07
C HIS D 164 -22.36 -13.06 -8.65
N THR D 165 -21.59 -12.11 -9.16
CA THR D 165 -20.19 -11.97 -8.79
C THR D 165 -20.02 -10.79 -7.84
N PHE D 166 -19.77 -11.08 -6.57
CA PHE D 166 -19.63 -10.04 -5.56
C PHE D 166 -18.17 -9.59 -5.44
N PRO D 167 -17.93 -8.29 -5.64
CA PRO D 167 -16.58 -7.69 -5.61
C PRO D 167 -15.84 -7.98 -4.31
N ALA D 168 -14.53 -8.09 -4.40
CA ALA D 168 -13.68 -8.45 -3.26
C ALA D 168 -13.57 -7.32 -2.24
N LEU D 169 -13.39 -7.70 -0.97
CA LEU D 169 -13.12 -6.73 0.09
C LEU D 169 -11.76 -7.02 0.70
N LEU D 170 -11.05 -5.98 1.11
CA LEU D 170 -9.71 -6.14 1.65
C LEU D 170 -9.66 -6.15 3.17
N GLN D 171 -8.95 -7.12 3.74
CA GLN D 171 -8.74 -7.19 5.18
C GLN D 171 -7.44 -7.91 5.51
N SER D 172 -6.57 -7.23 6.26
CA SER D 172 -5.30 -7.78 6.70
C SER D 172 -4.40 -8.23 5.54
N GLY D 173 -4.51 -7.55 4.41
CA GLY D 173 -3.65 -7.82 3.27
C GLY D 173 -4.15 -8.90 2.31
N LEU D 174 -5.24 -9.58 2.67
CA LEU D 174 -5.77 -10.62 1.82
C LEU D 174 -7.17 -10.28 1.33
N TYR D 175 -7.48 -10.71 0.11
CA TYR D 175 -8.78 -10.42 -0.49
C TYR D 175 -9.78 -11.55 -0.29
N THR D 176 -11.06 -11.20 -0.28
CA THR D 176 -12.12 -12.19 -0.14
C THR D 176 -13.34 -11.78 -0.95
N MET D 177 -13.79 -12.67 -1.82
CA MET D 177 -14.99 -12.43 -2.61
C MET D 177 -15.88 -13.67 -2.60
N SER D 178 -17.04 -13.57 -3.23
CA SER D 178 -17.95 -14.70 -3.32
C SER D 178 -18.73 -14.67 -4.63
N SER D 179 -19.24 -15.82 -5.02
CA SER D 179 -20.05 -15.94 -6.22
C SER D 179 -21.23 -16.85 -5.94
N SER D 180 -22.41 -16.44 -6.40
CA SER D 180 -23.60 -17.25 -6.22
C SER D 180 -24.16 -17.71 -7.55
N VAL D 181 -24.84 -18.84 -7.54
CA VAL D 181 -25.49 -19.37 -8.74
C VAL D 181 -26.82 -19.99 -8.36
N THR D 182 -27.83 -19.80 -9.22
CA THR D 182 -29.15 -20.34 -8.96
C THR D 182 -29.55 -21.34 -10.03
N VAL D 183 -29.87 -22.56 -9.60
CA VAL D 183 -30.29 -23.61 -10.52
C VAL D 183 -31.59 -24.25 -10.04
N PRO D 184 -32.37 -24.81 -10.98
CA PRO D 184 -33.54 -25.62 -10.66
C PRO D 184 -33.23 -26.69 -9.63
N SER D 185 -34.16 -26.95 -8.71
CA SER D 185 -33.96 -27.99 -7.69
C SER D 185 -33.82 -29.37 -8.31
N SER D 186 -34.34 -29.54 -9.52
CA SER D 186 -34.20 -30.80 -10.25
C SER D 186 -32.75 -30.99 -10.68
N THR D 187 -32.07 -29.89 -10.98
CA THR D 187 -30.70 -29.94 -11.48
C THR D 187 -29.70 -30.40 -10.42
N TRP D 188 -29.82 -29.85 -9.22
CA TRP D 188 -28.88 -30.16 -8.14
C TRP D 188 -29.62 -30.78 -6.96
N PRO D 189 -29.05 -31.84 -6.35
CA PRO D 189 -27.75 -32.41 -6.67
C PRO D 189 -27.83 -33.61 -7.61
N SER D 190 -28.84 -33.65 -8.48
CA SER D 190 -28.97 -34.71 -9.46
C SER D 190 -27.78 -34.65 -10.42
N GLN D 191 -27.43 -33.43 -10.84
CA GLN D 191 -26.28 -33.20 -11.70
C GLN D 191 -25.16 -32.59 -10.87
N THR D 192 -23.92 -32.79 -11.31
CA THR D 192 -22.77 -32.24 -10.62
C THR D 192 -22.70 -30.73 -10.82
N VAL D 193 -22.52 -30.00 -9.73
CA VAL D 193 -22.35 -28.55 -9.80
C VAL D 193 -21.01 -28.12 -9.20
N THR D 194 -20.16 -27.54 -10.03
CA THR D 194 -18.79 -27.22 -9.63
C THR D 194 -18.41 -25.77 -9.95
N CYS D 195 -17.80 -25.09 -9.00
CA CYS D 195 -17.24 -23.77 -9.26
C CYS D 195 -15.73 -23.85 -9.51
N SER D 196 -15.27 -23.18 -10.56
CA SER D 196 -13.85 -23.14 -10.87
C SER D 196 -13.30 -21.73 -10.65
N VAL D 197 -12.34 -21.60 -9.76
CA VAL D 197 -11.78 -20.30 -9.42
C VAL D 197 -10.36 -20.14 -9.95
N ALA D 198 -10.18 -19.19 -10.86
CA ALA D 198 -8.86 -18.93 -11.44
C ALA D 198 -8.19 -17.74 -10.78
N HIS D 199 -6.93 -17.91 -10.40
CA HIS D 199 -6.13 -16.83 -9.83
C HIS D 199 -4.81 -16.73 -10.57
N PRO D 200 -4.80 -16.02 -11.72
CA PRO D 200 -3.68 -15.94 -12.66
C PRO D 200 -2.37 -15.49 -12.01
N ALA D 201 -2.46 -14.59 -11.04
CA ALA D 201 -1.29 -14.07 -10.35
C ALA D 201 -0.46 -15.18 -9.71
N SER D 202 -1.14 -16.13 -9.08
CA SER D 202 -0.47 -17.27 -8.46
C SER D 202 -0.47 -18.48 -9.39
N SER D 203 -0.98 -18.27 -10.60
CA SER D 203 -1.06 -19.34 -11.61
C SER D 203 -1.84 -20.53 -11.08
N THR D 204 -2.87 -20.25 -10.27
CA THR D 204 -3.62 -21.28 -9.57
C THR D 204 -5.06 -21.38 -10.06
N THR D 205 -5.56 -22.60 -10.19
CA THR D 205 -6.98 -22.84 -10.46
C THR D 205 -7.52 -23.87 -9.47
N VAL D 206 -8.59 -23.50 -8.76
CA VAL D 206 -9.20 -24.39 -7.79
C VAL D 206 -10.62 -24.78 -8.22
N ASP D 207 -10.89 -26.08 -8.24
CA ASP D 207 -12.19 -26.61 -8.68
C ASP D 207 -12.95 -27.27 -7.53
N LYS D 208 -14.01 -26.60 -7.06
CA LYS D 208 -14.81 -27.13 -5.95
C LYS D 208 -16.17 -27.65 -6.41
N LYS D 209 -16.43 -28.93 -6.12
CA LYS D 209 -17.72 -29.53 -6.41
C LYS D 209 -18.67 -29.34 -5.23
N LEU D 210 -19.92 -28.98 -5.53
CA LEU D 210 -20.90 -28.74 -4.48
C LEU D 210 -21.65 -30.00 -4.05
N GLU D 211 -21.51 -30.36 -2.78
CA GLU D 211 -22.17 -31.53 -2.21
C GLU D 211 -23.32 -31.11 -1.28
N PRO D 212 -24.38 -31.92 -1.24
CA PRO D 212 -25.51 -31.61 -0.34
C PRO D 212 -25.27 -32.13 1.08
C ACT E . -10.62 -26.67 -0.09
O ACT E . -10.05 -25.62 0.29
OXT ACT E . -11.80 -26.80 0.26
CH3 ACT E . -9.91 -27.70 -0.93
#